data_4AIA
#
_entry.id   4AIA
#
_cell.length_a   73.000
_cell.length_b   78.590
_cell.length_c   179.810
_cell.angle_alpha   90.00
_cell.angle_beta   90.56
_cell.angle_gamma   90.00
#
_symmetry.space_group_name_H-M   'C 1 2 1'
#
loop_
_entity.id
_entity.type
_entity.pdbx_description
1 polymer 'DNA-3-METHYLADENINE GLYCOSYLASE I'
2 non-polymer 'ZINC ION'
3 non-polymer 3-METHYL-3H-PURIN-6-YLAMINE
4 non-polymer 'SULFATE ION'
5 water water
#
_entity_poly.entity_id   1
_entity_poly.type   'polypeptide(L)'
_entity_poly.pdbx_seq_one_letter_code
;GAMNECAFGTKDPVYLNYHDHVWGQPLYDSKALFKLLALESQHAGLSWLTILKKKEAYEEAFYDFEPEKVAQMTAQDIDR
LMTFPNIVHHRKKLEAIVNQAQGYLKIEQAYGSFSKFLWSYVNGKPKDLQYEHASDRITVDDTATQLSKDLKQYGFKFLG
PVTVFSFLEAAGLYDAHLKDCPSKPKHN
;
_entity_poly.pdbx_strand_id   A,B,C,D,E
#
# COMPACT_ATOMS: atom_id res chain seq x y z
N GLY A 1 47.58 27.99 3.47
CA GLY A 1 47.88 29.24 4.26
C GLY A 1 47.18 29.25 5.60
N ALA A 2 46.87 30.45 6.07
CA ALA A 2 46.28 30.65 7.38
C ALA A 2 44.91 29.99 7.51
N MET A 3 44.08 30.06 6.47
CA MET A 3 42.73 29.48 6.65
C MET A 3 42.80 27.97 6.82
N ASN A 4 43.68 27.33 6.05
CA ASN A 4 43.89 25.90 6.19
C ASN A 4 44.32 25.51 7.63
N GLU A 5 45.24 26.27 8.18
CA GLU A 5 45.74 26.01 9.54
C GLU A 5 44.63 26.24 10.57
N CYS A 6 43.81 27.26 10.32
CA CYS A 6 42.78 27.63 11.28
C CYS A 6 41.61 26.66 11.25
N ALA A 7 41.26 26.21 10.05
CA ALA A 7 40.01 25.49 9.79
C ALA A 7 40.21 23.97 9.75
N PHE A 8 41.11 23.46 10.58
CA PHE A 8 41.30 22.01 10.80
C PHE A 8 41.67 21.27 9.50
N GLY A 9 42.40 21.98 8.64
CA GLY A 9 42.90 21.42 7.39
C GLY A 9 41.88 21.05 6.33
N THR A 10 40.63 21.49 6.48
CA THR A 10 39.57 21.05 5.56
C THR A 10 39.52 21.79 4.22
N LYS A 11 39.12 21.07 3.17
CA LYS A 11 38.82 21.66 1.84
C LYS A 11 37.35 21.46 1.49
N ASP A 12 36.59 20.97 2.46
CA ASP A 12 35.16 20.70 2.28
C ASP A 12 34.34 21.99 2.41
N PRO A 13 33.62 22.41 1.34
CA PRO A 13 32.83 23.64 1.42
C PRO A 13 31.83 23.69 2.56
N VAL A 14 31.23 22.56 2.93
CA VAL A 14 30.32 22.53 4.10
C VAL A 14 31.02 23.00 5.37
N TYR A 15 32.23 22.48 5.57
CA TYR A 15 32.97 22.78 6.78
C TYR A 15 33.53 24.20 6.66
N LEU A 16 33.99 24.58 5.45
CA LEU A 16 34.53 25.92 5.27
C LEU A 16 33.46 27.02 5.42
N ASN A 17 32.24 26.75 4.95
CA ASN A 17 31.14 27.69 5.10
C ASN A 17 30.80 27.87 6.58
N TYR A 18 30.75 26.76 7.31
CA TYR A 18 30.60 26.75 8.75
C TYR A 18 31.72 27.59 9.41
N HIS A 19 32.98 27.36 8.99
CA HIS A 19 34.11 28.12 9.55
C HIS A 19 33.95 29.62 9.35
N ASP A 20 33.48 30.01 8.17
CA ASP A 20 33.40 31.43 7.81
C ASP A 20 32.17 32.11 8.38
N HIS A 21 31.06 31.37 8.48
CA HIS A 21 29.76 31.98 8.74
C HIS A 21 29.22 31.69 10.11
N VAL A 22 29.72 30.65 10.78
CA VAL A 22 29.22 30.30 12.12
C VAL A 22 30.36 30.29 13.15
N TRP A 23 31.36 29.44 12.95
CA TRP A 23 32.35 29.18 13.99
C TRP A 23 33.08 30.45 14.41
N GLY A 24 33.00 30.78 15.70
CA GLY A 24 33.67 31.96 16.24
C GLY A 24 33.00 33.29 15.92
N GLN A 25 31.84 33.26 15.27
CA GLN A 25 31.16 34.49 14.91
C GLN A 25 30.11 34.75 15.99
N PRO A 26 30.25 35.85 16.75
CA PRO A 26 29.42 36.07 17.91
C PRO A 26 27.95 35.87 17.62
N LEU A 27 27.32 35.02 18.43
CA LEU A 27 25.90 34.68 18.26
C LEU A 27 25.16 35.08 19.53
N TYR A 28 24.14 35.93 19.36
CA TYR A 28 23.39 36.47 20.53
C TYR A 28 21.95 35.94 20.70
N ASP A 29 21.45 35.18 19.72
CA ASP A 29 20.06 34.69 19.77
C ASP A 29 19.99 33.47 20.70
N SER A 30 19.09 33.49 21.66
CA SER A 30 18.98 32.41 22.67
C SER A 30 18.69 31.03 22.10
N LYS A 31 17.68 30.93 21.23
CA LYS A 31 17.30 29.63 20.65
C LYS A 31 18.44 29.10 19.73
N ALA A 32 19.09 30.00 18.99
CA ALA A 32 20.22 29.64 18.15
C ALA A 32 21.41 29.12 18.96
N LEU A 33 21.68 29.73 20.12
CA LEU A 33 22.73 29.29 21.03
C LEU A 33 22.43 27.88 21.58
N PHE A 34 21.18 27.65 21.96
CA PHE A 34 20.73 26.34 22.41
C PHE A 34 21.02 25.25 21.37
N LYS A 35 20.72 25.58 20.11
CA LYS A 35 20.98 24.68 19.00
CA LYS A 35 20.98 24.64 19.01
C LYS A 35 22.45 24.28 18.90
N LEU A 36 23.35 25.27 18.93
CA LEU A 36 24.78 24.96 18.82
C LEU A 36 25.21 24.11 20.01
N LEU A 37 24.72 24.47 21.20
CA LEU A 37 25.08 23.73 22.42
C LEU A 37 24.63 22.28 22.34
N ALA A 38 23.40 22.07 21.89
CA ALA A 38 22.85 20.71 21.79
C ALA A 38 23.65 19.87 20.77
N LEU A 39 23.97 20.47 19.63
CA LEU A 39 24.79 19.78 18.63
C LEU A 39 26.19 19.41 19.18
N GLU A 40 26.84 20.31 19.92
CA GLU A 40 28.13 20.00 20.54
C GLU A 40 28.06 18.78 21.46
N SER A 41 26.94 18.62 22.16
CA SER A 41 26.75 17.50 23.09
C SER A 41 26.71 16.12 22.40
N GLN A 42 26.50 16.11 21.08
CA GLN A 42 26.39 14.87 20.31
C GLN A 42 27.74 14.36 19.78
N HIS A 43 28.78 15.16 19.95
CA HIS A 43 30.09 14.90 19.32
C HIS A 43 30.88 13.70 19.83
N ALA A 44 30.86 13.47 21.13
CA ALA A 44 31.85 12.56 21.75
C ALA A 44 31.90 11.16 21.11
N GLY A 45 33.07 10.77 20.61
CA GLY A 45 33.20 9.48 19.96
C GLY A 45 33.12 9.54 18.44
N LEU A 46 32.76 10.72 17.92
CA LEU A 46 32.59 10.92 16.48
C LEU A 46 33.44 12.12 16.05
N SER A 47 33.58 12.33 14.74
CA SER A 47 34.23 13.56 14.28
C SER A 47 33.25 14.73 14.32
N TRP A 48 33.75 15.95 14.42
CA TRP A 48 32.81 17.07 14.43
C TRP A 48 32.11 17.22 13.08
N LEU A 49 32.84 17.02 11.99
CA LEU A 49 32.21 17.14 10.67
C LEU A 49 31.05 16.16 10.51
N THR A 50 31.19 14.98 11.13
CA THR A 50 30.09 14.00 11.11
C THR A 50 28.81 14.60 11.69
N ILE A 51 28.91 15.29 12.82
CA ILE A 51 27.74 15.93 13.45
C ILE A 51 27.21 17.07 12.56
N LEU A 52 28.11 17.87 12.03
CA LEU A 52 27.73 18.99 11.16
CA LEU A 52 27.73 19.00 11.20
C LEU A 52 26.86 18.53 10.02
N LYS A 53 27.26 17.42 9.40
CA LYS A 53 26.53 16.87 8.26
C LYS A 53 25.18 16.22 8.63
N LYS A 54 24.98 15.99 9.92
CA LYS A 54 23.71 15.46 10.47
C LYS A 54 22.78 16.59 10.95
N LYS A 55 23.20 17.85 10.76
CA LYS A 55 22.44 18.97 11.32
C LYS A 55 20.97 19.01 10.89
N GLU A 56 20.73 18.81 9.59
CA GLU A 56 19.34 18.85 9.07
C GLU A 56 18.49 17.73 9.64
N ALA A 57 19.07 16.54 9.79
CA ALA A 57 18.37 15.42 10.42
C ALA A 57 18.02 15.75 11.87
N TYR A 58 18.97 16.33 12.60
CA TYR A 58 18.66 16.76 13.97
C TYR A 58 17.58 17.83 14.02
N GLU A 59 17.62 18.79 13.09
CA GLU A 59 16.58 19.83 13.06
C GLU A 59 15.20 19.22 12.85
N GLU A 60 15.10 18.23 11.98
CA GLU A 60 13.83 17.56 11.77
C GLU A 60 13.40 16.77 12.99
N ALA A 61 14.34 16.04 13.58
CA ALA A 61 14.08 15.15 14.74
C ALA A 61 13.67 15.92 16.00
N PHE A 62 14.25 17.10 16.16
CA PHE A 62 14.07 17.91 17.36
C PHE A 62 13.34 19.26 17.15
N TYR A 63 12.39 19.31 16.21
CA TYR A 63 11.51 20.48 16.05
C TYR A 63 12.30 21.78 15.90
N ASP A 64 13.34 21.74 15.05
CA ASP A 64 14.30 22.83 14.85
C ASP A 64 14.88 23.40 16.15
N PHE A 65 15.08 22.52 17.13
CA PHE A 65 15.66 22.87 18.44
C PHE A 65 14.89 23.98 19.15
N GLU A 66 13.57 24.01 18.96
CA GLU A 66 12.74 24.93 19.71
C GLU A 66 12.56 24.38 21.14
N PRO A 67 13.13 25.05 22.18
CA PRO A 67 13.20 24.36 23.48
C PRO A 67 11.84 23.99 24.10
N GLU A 68 10.82 24.82 23.92
CA GLU A 68 9.50 24.52 24.50
C GLU A 68 8.99 23.16 23.99
N LYS A 69 9.19 22.91 22.69
CA LYS A 69 8.75 21.65 22.06
C LYS A 69 9.65 20.48 22.43
N VAL A 70 10.96 20.73 22.41
CA VAL A 70 11.91 19.64 22.71
C VAL A 70 11.75 19.19 24.15
N ALA A 71 11.53 20.15 25.04
CA ALA A 71 11.46 19.82 26.47
C ALA A 71 10.27 18.89 26.79
N GLN A 72 9.26 18.88 25.92
CA GLN A 72 8.06 18.07 26.12
C GLN A 72 8.15 16.68 25.51
N MET A 73 9.27 16.36 24.85
CA MET A 73 9.41 15.04 24.24
C MET A 73 9.42 13.90 25.24
N THR A 74 8.74 12.83 24.89
CA THR A 74 8.52 11.69 25.80
C THR A 74 9.48 10.56 25.50
N ALA A 75 9.50 9.56 26.39
CA ALA A 75 10.23 8.32 26.15
C ALA A 75 9.81 7.66 24.84
N GLN A 76 8.53 7.77 24.51
CA GLN A 76 7.98 7.22 23.26
C GLN A 76 8.54 7.98 22.04
N ASP A 77 8.70 9.30 22.17
CA ASP A 77 9.36 10.08 21.11
C ASP A 77 10.81 9.63 20.90
N ILE A 78 11.53 9.40 21.99
CA ILE A 78 12.90 8.88 21.91
C ILE A 78 12.92 7.48 21.31
N ASP A 79 11.96 6.62 21.68
CA ASP A 79 11.85 5.28 21.08
C ASP A 79 11.83 5.43 19.56
N ARG A 80 11.00 6.36 19.08
CA ARG A 80 10.85 6.62 17.63
C ARG A 80 12.17 7.09 17.02
N LEU A 81 12.85 7.99 17.72
CA LEU A 81 14.10 8.58 17.21
C LEU A 81 15.25 7.60 17.09
N MET A 82 15.20 6.49 17.83
CA MET A 82 16.24 5.46 17.77
C MET A 82 16.39 4.83 16.38
N THR A 83 15.37 4.96 15.55
CA THR A 83 15.46 4.51 14.16
C THR A 83 15.21 5.64 13.13
N PHE A 84 15.25 6.89 13.59
CA PHE A 84 15.18 8.02 12.68
C PHE A 84 16.51 8.18 11.92
N PRO A 85 16.48 8.18 10.57
CA PRO A 85 17.70 8.14 9.77
C PRO A 85 18.61 9.36 9.96
N ASN A 86 19.90 9.07 10.11
CA ASN A 86 20.92 10.11 10.10
C ASN A 86 21.03 11.04 11.32
N ILE A 87 20.41 10.69 12.45
CA ILE A 87 20.88 11.26 13.71
C ILE A 87 21.70 10.17 14.40
N VAL A 88 22.40 10.53 15.47
CA VAL A 88 23.26 9.57 16.17
C VAL A 88 22.36 8.67 17.02
N HIS A 89 22.39 7.37 16.74
CA HIS A 89 21.52 6.46 17.46
C HIS A 89 22.16 6.02 18.75
N HIS A 90 22.16 6.95 19.69
CA HIS A 90 22.81 6.79 20.99
C HIS A 90 21.78 7.30 21.94
N ARG A 91 21.14 6.39 22.66
CA ARG A 91 19.95 6.81 23.41
C ARG A 91 20.24 7.88 24.45
N LYS A 92 21.31 7.74 25.23
CA LYS A 92 21.61 8.79 26.22
C LYS A 92 21.90 10.14 25.59
N LYS A 93 22.58 10.14 24.43
CA LYS A 93 22.83 11.39 23.70
C LYS A 93 21.51 12.08 23.28
N LEU A 94 20.53 11.30 22.85
CA LEU A 94 19.26 11.88 22.42
C LEU A 94 18.45 12.34 23.60
N GLU A 95 18.41 11.51 24.65
CA GLU A 95 17.75 11.90 25.91
C GLU A 95 18.36 13.19 26.47
N ALA A 96 19.67 13.37 26.29
CA ALA A 96 20.38 14.53 26.83
C ALA A 96 19.82 15.82 26.27
N ILE A 97 19.51 15.83 24.99
CA ILE A 97 18.96 17.04 24.36
C ILE A 97 17.62 17.46 25.01
N VAL A 98 16.78 16.49 25.30
CA VAL A 98 15.53 16.77 25.98
C VAL A 98 15.81 17.40 27.36
N ASN A 99 16.76 16.85 28.09
CA ASN A 99 17.11 17.40 29.39
C ASN A 99 17.70 18.80 29.31
N GLN A 100 18.53 19.01 28.29
CA GLN A 100 19.10 20.33 28.01
C GLN A 100 17.98 21.37 27.77
N ALA A 101 16.96 20.99 26.98
CA ALA A 101 15.84 21.89 26.70
C ALA A 101 15.08 22.23 27.98
N GLN A 102 14.90 21.26 28.86
CA GLN A 102 14.25 21.54 30.15
C GLN A 102 15.11 22.55 30.94
N GLY A 103 16.43 22.36 30.92
CA GLY A 103 17.32 23.27 31.65
C GLY A 103 17.31 24.68 31.09
N TYR A 104 17.24 24.81 29.76
CA TYR A 104 17.15 26.11 29.10
C TYR A 104 15.92 26.85 29.61
N LEU A 105 14.81 26.15 29.73
CA LEU A 105 13.56 26.75 30.21
C LEU A 105 13.69 27.24 31.65
N LYS A 106 14.35 26.44 32.49
CA LYS A 106 14.61 26.84 33.90
C LYS A 106 15.51 28.08 33.95
N ILE A 107 16.55 28.10 33.11
CA ILE A 107 17.43 29.28 33.08
C ILE A 107 16.67 30.54 32.69
N GLU A 108 15.82 30.43 31.66
CA GLU A 108 15.07 31.58 31.17
C GLU A 108 14.08 32.08 32.20
N GLN A 109 13.51 31.15 32.99
CA GLN A 109 12.60 31.58 34.07
C GLN A 109 13.33 32.43 35.12
N ALA A 110 14.57 32.04 35.43
CA ALA A 110 15.36 32.72 36.48
C ALA A 110 16.09 33.95 35.97
N TYR A 111 16.47 33.93 34.69
CA TYR A 111 17.35 34.97 34.21
C TYR A 111 16.84 35.73 33.01
N GLY A 112 15.64 35.38 32.53
CA GLY A 112 15.05 36.07 31.40
C GLY A 112 15.47 35.51 30.05
N SER A 113 16.78 35.34 29.85
CA SER A 113 17.34 35.06 28.52
C SER A 113 18.51 34.11 28.67
N PHE A 114 18.44 32.98 27.99
CA PHE A 114 19.55 32.04 27.90
C PHE A 114 20.78 32.74 27.33
N SER A 115 20.59 33.58 26.31
CA SER A 115 21.72 34.35 25.75
C SER A 115 22.39 35.26 26.80
N LYS A 116 21.58 36.03 27.53
CA LYS A 116 22.14 36.92 28.57
C LYS A 116 22.86 36.10 29.64
N PHE A 117 22.28 34.96 30.01
CA PHE A 117 22.92 34.02 30.96
C PHE A 117 24.32 33.61 30.48
N LEU A 118 24.39 33.19 29.23
CA LEU A 118 25.65 32.70 28.68
C LEU A 118 26.67 33.80 28.49
N TRP A 119 26.25 34.93 27.91
CA TRP A 119 27.18 36.01 27.61
C TRP A 119 27.81 36.60 28.87
N SER A 120 27.15 36.43 30.01
CA SER A 120 27.68 36.86 31.31
CA SER A 120 27.71 36.91 31.27
C SER A 120 29.04 36.23 31.62
N TYR A 121 29.23 35.00 31.14
CA TYR A 121 30.48 34.22 31.40
C TYR A 121 31.72 34.86 30.76
N VAL A 122 31.48 35.74 29.77
CA VAL A 122 32.56 36.52 29.14
C VAL A 122 32.33 38.03 29.29
N ASN A 123 31.56 38.40 30.31
CA ASN A 123 31.34 39.83 30.63
C ASN A 123 30.72 40.58 29.43
N GLY A 124 29.92 39.87 28.65
CA GLY A 124 29.11 40.48 27.59
C GLY A 124 29.81 40.76 26.28
N LYS A 125 31.07 40.37 26.16
CA LYS A 125 31.75 40.57 24.90
C LYS A 125 32.74 39.45 24.59
N PRO A 126 32.93 39.15 23.28
CA PRO A 126 33.73 38.00 22.89
C PRO A 126 35.14 38.09 23.45
N LYS A 127 35.64 36.97 23.97
CA LYS A 127 37.03 36.91 24.40
C LYS A 127 37.90 36.47 23.23
N ASP A 128 38.77 37.36 22.75
CA ASP A 128 39.73 36.99 21.71
C ASP A 128 40.85 36.20 22.34
N LEU A 129 41.00 34.95 21.93
CA LEU A 129 42.00 34.07 22.53
C LEU A 129 43.40 34.37 21.99
N GLN A 130 43.44 35.19 20.96
CA GLN A 130 44.70 35.73 20.42
C GLN A 130 45.66 34.68 19.89
N TYR A 131 45.12 33.57 19.38
CA TYR A 131 45.99 32.52 18.84
C TYR A 131 46.69 32.94 17.55
N GLU A 132 47.92 32.48 17.36
CA GLU A 132 48.65 32.71 16.09
C GLU A 132 48.81 31.41 15.29
N HIS A 133 49.03 30.31 15.99
CA HIS A 133 49.15 29.01 15.35
C HIS A 133 48.12 28.05 15.89
N ALA A 134 47.74 27.06 15.08
CA ALA A 134 46.79 26.05 15.54
C ALA A 134 47.37 25.33 16.78
N SER A 135 48.69 25.20 16.82
CA SER A 135 49.40 24.58 17.98
C SER A 135 49.22 25.37 19.31
N ASP A 136 48.79 26.63 19.22
CA ASP A 136 48.54 27.45 20.43
C ASP A 136 47.28 27.00 21.18
N ARG A 137 46.39 26.29 20.48
CA ARG A 137 45.02 26.08 20.96
C ARG A 137 44.92 25.16 22.15
N ILE A 138 44.10 25.52 23.13
CA ILE A 138 43.90 24.61 24.27
C ILE A 138 42.52 23.97 24.07
N THR A 139 42.11 23.04 24.93
CA THR A 139 40.83 22.36 24.74
C THR A 139 39.84 22.59 25.86
N VAL A 140 40.28 23.28 26.90
CA VAL A 140 39.42 23.51 28.10
C VAL A 140 40.04 24.62 28.91
N ASP A 141 39.22 25.34 29.68
CA ASP A 141 39.75 26.36 30.57
C ASP A 141 38.82 26.56 31.75
N ASP A 142 39.17 27.48 32.65
CA ASP A 142 38.41 27.65 33.90
C ASP A 142 36.97 28.10 33.67
N THR A 143 36.77 29.00 32.72
CA THR A 143 35.42 29.52 32.43
C THR A 143 34.50 28.41 31.89
N ALA A 144 35.03 27.63 30.94
CA ALA A 144 34.27 26.49 30.39
C ALA A 144 33.96 25.47 31.49
N THR A 145 34.92 25.25 32.40
CA THR A 145 34.72 24.30 33.48
C THR A 145 33.58 24.81 34.38
N GLN A 146 33.62 26.08 34.73
CA GLN A 146 32.53 26.67 35.56
C GLN A 146 31.19 26.59 34.90
N LEU A 147 31.13 26.97 33.61
CA LEU A 147 29.84 26.94 32.90
C LEU A 147 29.30 25.50 32.83
N SER A 148 30.19 24.54 32.56
CA SER A 148 29.79 23.12 32.58
C SER A 148 29.18 22.70 33.94
N LYS A 149 29.86 22.99 35.04
CA LYS A 149 29.33 22.68 36.37
C LYS A 149 27.99 23.37 36.59
N ASP A 150 27.89 24.62 36.16
CA ASP A 150 26.66 25.41 36.45
C ASP A 150 25.46 24.89 35.66
N LEU A 151 25.68 24.48 34.41
CA LEU A 151 24.59 23.91 33.60
C LEU A 151 24.04 22.62 34.21
N LYS A 152 24.89 21.81 34.84
CA LYS A 152 24.40 20.55 35.47
C LYS A 152 23.29 20.73 36.46
N GLN A 153 23.37 21.79 37.26
CA GLN A 153 22.36 22.04 38.27
C GLN A 153 21.00 22.29 37.66
N TYR A 154 20.95 22.72 36.41
CA TYR A 154 19.64 22.92 35.76
C TYR A 154 19.16 21.70 35.00
N GLY A 155 19.99 20.65 34.95
CA GLY A 155 19.56 19.40 34.33
C GLY A 155 20.20 19.13 32.97
N PHE A 156 21.09 20.01 32.51
CA PHE A 156 21.86 19.74 31.27
C PHE A 156 22.72 18.47 31.42
N LYS A 157 22.80 17.70 30.33
CA LYS A 157 23.58 16.47 30.31
CA LYS A 157 23.54 16.43 30.28
C LYS A 157 24.45 16.43 29.06
N PHE A 158 25.51 15.63 29.12
CA PHE A 158 26.44 15.46 27.98
C PHE A 158 27.19 16.74 27.62
N LEU A 159 27.39 17.60 28.61
CA LEU A 159 28.09 18.88 28.39
C LEU A 159 29.19 19.11 29.42
N GLY A 160 30.22 18.26 29.36
CA GLY A 160 31.41 18.41 30.21
C GLY A 160 32.26 19.62 29.83
N PRO A 161 33.33 19.91 30.60
CA PRO A 161 34.11 21.13 30.39
C PRO A 161 34.72 21.28 28.99
N VAL A 162 35.24 20.19 28.44
CA VAL A 162 35.86 20.20 27.08
C VAL A 162 34.77 20.52 26.05
N THR A 163 33.62 19.87 26.19
CA THR A 163 32.48 20.10 25.27
C THR A 163 31.98 21.53 25.33
N VAL A 164 31.84 22.05 26.55
CA VAL A 164 31.45 23.47 26.71
C VAL A 164 32.49 24.43 26.14
N PHE A 165 33.78 24.13 26.28
CA PHE A 165 34.81 24.97 25.68
C PHE A 165 34.63 25.01 24.16
N SER A 166 34.38 23.84 23.56
CA SER A 166 34.08 23.77 22.11
C SER A 166 32.88 24.62 21.71
N PHE A 167 31.81 24.54 22.50
CA PHE A 167 30.66 25.41 22.29
C PHE A 167 31.01 26.89 22.39
N LEU A 168 31.76 27.31 23.42
CA LEU A 168 32.13 28.75 23.50
C LEU A 168 32.85 29.24 22.25
N GLU A 169 33.77 28.43 21.73
CA GLU A 169 34.46 28.78 20.46
C GLU A 169 33.49 28.83 19.29
N ALA A 170 32.59 27.85 19.21
CA ALA A 170 31.62 27.76 18.09
C ALA A 170 30.67 28.93 18.09
N ALA A 171 30.20 29.35 19.27
CA ALA A 171 29.22 30.43 19.43
C ALA A 171 29.86 31.85 19.38
N GLY A 172 31.18 31.89 19.33
CA GLY A 172 31.90 33.17 19.28
C GLY A 172 31.96 33.94 20.59
N LEU A 173 31.53 33.32 21.70
CA LEU A 173 31.86 33.86 23.04
C LEU A 173 33.36 33.86 23.23
N TYR A 174 34.01 32.88 22.58
CA TYR A 174 35.45 32.83 22.42
C TYR A 174 35.73 32.90 20.93
N ASP A 175 36.74 33.67 20.57
CA ASP A 175 37.25 33.71 19.18
C ASP A 175 38.57 32.92 19.16
N ALA A 176 38.49 31.72 18.61
CA ALA A 176 39.64 30.84 18.46
C ALA A 176 40.24 30.82 17.04
N HIS A 177 39.85 31.77 16.18
CA HIS A 177 40.49 31.87 14.88
C HIS A 177 41.91 32.36 15.05
N LEU A 178 42.80 31.87 14.19
CA LEU A 178 44.18 32.37 14.15
C LEU A 178 44.24 33.82 13.67
N LYS A 179 45.26 34.53 14.11
CA LYS A 179 45.40 35.95 13.83
CA LYS A 179 45.44 35.95 13.82
C LYS A 179 45.27 36.25 12.33
N ASP A 180 45.86 35.40 11.49
CA ASP A 180 45.84 35.68 10.03
C ASP A 180 44.74 34.98 9.25
N CYS A 181 43.82 34.34 9.96
CA CYS A 181 42.74 33.64 9.26
C CYS A 181 41.84 34.68 8.59
N PRO A 182 41.52 34.49 7.31
CA PRO A 182 40.65 35.44 6.65
C PRO A 182 39.23 35.49 7.21
N SER A 183 38.85 34.51 8.04
CA SER A 183 37.51 34.44 8.66
C SER A 183 37.48 34.99 10.10
N LYS A 184 38.63 35.45 10.60
CA LYS A 184 38.67 35.97 11.97
C LYS A 184 37.77 37.20 12.12
N PRO A 185 36.84 37.17 13.08
CA PRO A 185 35.97 38.32 13.25
C PRO A 185 36.73 39.54 13.78
N LYS A 186 36.23 40.71 13.43
CA LYS A 186 36.75 42.00 13.89
C LYS A 186 36.27 42.17 15.32
N HIS A 187 37.06 42.77 16.19
CA HIS A 187 36.54 43.00 17.54
C HIS A 187 36.65 44.43 17.94
N ASN A 188 35.89 44.80 18.95
CA ASN A 188 36.00 46.14 19.52
C ASN A 188 36.20 46.07 21.03
N MET B 3 39.62 9.71 -7.95
CA MET B 3 39.59 8.80 -9.13
C MET B 3 38.87 9.44 -10.32
N ASN B 4 39.66 9.82 -11.32
CA ASN B 4 39.21 10.49 -12.53
C ASN B 4 38.05 9.78 -13.20
N GLU B 5 38.19 8.46 -13.32
CA GLU B 5 37.23 7.61 -14.01
C GLU B 5 35.84 7.64 -13.35
N CYS B 6 35.82 7.62 -12.02
CA CYS B 6 34.55 7.71 -11.26
C CYS B 6 33.92 9.09 -11.39
N ALA B 7 34.74 10.13 -11.30
CA ALA B 7 34.29 11.53 -11.23
C ALA B 7 33.98 12.21 -12.58
N PHE B 8 33.40 11.46 -13.51
CA PHE B 8 32.86 12.05 -14.77
C PHE B 8 33.92 12.77 -15.60
N GLY B 9 35.17 12.35 -15.42
CA GLY B 9 36.33 12.90 -16.14
C GLY B 9 36.61 14.39 -16.03
N THR B 10 36.04 15.03 -15.02
CA THR B 10 36.07 16.51 -14.94
C THR B 10 37.27 17.01 -14.15
N LYS B 11 37.71 18.23 -14.48
CA LYS B 11 38.68 18.96 -13.66
C LYS B 11 38.08 20.27 -13.12
N ASP B 12 36.78 20.43 -13.30
CA ASP B 12 36.08 21.62 -12.85
C ASP B 12 35.91 21.55 -11.34
N PRO B 13 36.31 22.63 -10.62
CA PRO B 13 36.33 22.55 -9.16
C PRO B 13 34.95 22.35 -8.54
N VAL B 14 33.92 23.00 -9.09
CA VAL B 14 32.57 22.84 -8.58
C VAL B 14 32.07 21.41 -8.81
N TYR B 15 32.28 20.89 -10.02
CA TYR B 15 31.90 19.50 -10.36
C TYR B 15 32.69 18.50 -9.52
N LEU B 16 34.00 18.73 -9.37
CA LEU B 16 34.83 17.83 -8.54
C LEU B 16 34.40 17.80 -7.10
N ASN B 17 34.07 18.98 -6.56
CA ASN B 17 33.56 19.04 -5.20
CA ASN B 17 33.54 19.08 -5.20
C ASN B 17 32.25 18.28 -5.07
N TYR B 18 31.39 18.41 -6.08
CA TYR B 18 30.11 17.74 -6.10
C TYR B 18 30.32 16.21 -6.06
N HIS B 19 31.19 15.71 -6.93
CA HIS B 19 31.51 14.28 -6.86
C HIS B 19 32.08 13.83 -5.54
N ASP B 20 33.00 14.63 -4.98
CA ASP B 20 33.79 14.25 -3.81
C ASP B 20 32.99 14.22 -2.52
N HIS B 21 32.05 15.15 -2.40
CA HIS B 21 31.37 15.38 -1.13
C HIS B 21 29.89 15.19 -1.12
N VAL B 22 29.26 15.20 -2.29
CA VAL B 22 27.80 15.21 -2.35
C VAL B 22 27.20 14.01 -3.11
N TRP B 23 27.57 13.88 -4.37
CA TRP B 23 26.99 12.84 -5.21
C TRP B 23 27.15 11.46 -4.61
N GLY B 24 26.02 10.77 -4.44
CA GLY B 24 26.00 9.42 -3.92
C GLY B 24 26.18 9.25 -2.41
N GLN B 25 26.31 10.35 -1.68
CA GLN B 25 26.27 10.30 -0.22
C GLN B 25 24.81 10.24 0.21
N PRO B 26 24.43 9.23 1.03
CA PRO B 26 23.01 9.10 1.41
C PRO B 26 22.43 10.40 1.95
N LEU B 27 21.33 10.84 1.34
CA LEU B 27 20.66 12.07 1.68
C LEU B 27 19.30 11.71 2.23
N TYR B 28 19.02 12.13 3.46
CA TYR B 28 17.78 11.74 4.13
C TYR B 28 16.82 12.89 4.41
N ASP B 29 17.28 14.12 4.26
CA ASP B 29 16.43 15.28 4.57
C ASP B 29 15.38 15.46 3.47
N SER B 30 14.09 15.53 3.86
CA SER B 30 13.02 15.62 2.84
C SER B 30 13.12 16.81 1.89
N LYS B 31 13.38 18.00 2.42
CA LYS B 31 13.41 19.17 1.56
C LYS B 31 14.66 19.13 0.69
N ALA B 32 15.74 18.58 1.19
CA ALA B 32 16.97 18.45 0.37
C ALA B 32 16.76 17.47 -0.79
N LEU B 33 16.03 16.38 -0.52
CA LEU B 33 15.68 15.40 -1.57
C LEU B 33 14.77 16.04 -2.63
N PHE B 34 13.80 16.84 -2.16
CA PHE B 34 12.95 17.61 -3.06
C PHE B 34 13.76 18.52 -3.98
N LYS B 35 14.72 19.25 -3.42
CA LYS B 35 15.56 20.15 -4.22
C LYS B 35 16.36 19.35 -5.26
N LEU B 36 16.98 18.25 -4.84
CA LEU B 36 17.78 17.47 -5.77
C LEU B 36 16.94 16.89 -6.93
N LEU B 37 15.77 16.36 -6.59
CA LEU B 37 14.84 15.82 -7.58
C LEU B 37 14.41 16.91 -8.54
N ALA B 38 14.10 18.08 -8.00
CA ALA B 38 13.65 19.20 -8.83
C ALA B 38 14.75 19.58 -9.79
N LEU B 39 16.00 19.61 -9.30
CA LEU B 39 17.13 19.95 -10.18
C LEU B 39 17.30 18.91 -11.30
N GLU B 40 17.17 17.63 -10.96
CA GLU B 40 17.25 16.58 -11.95
C GLU B 40 16.21 16.76 -13.06
N SER B 41 15.01 17.22 -12.70
CA SER B 41 13.95 17.47 -13.69
C SER B 41 14.28 18.58 -14.69
N GLN B 42 15.24 19.46 -14.37
CA GLN B 42 15.63 20.57 -15.25
C GLN B 42 16.71 20.19 -16.27
N HIS B 43 17.24 18.97 -16.13
CA HIS B 43 18.40 18.49 -16.89
C HIS B 43 18.17 18.27 -18.39
N ALA B 44 16.99 17.74 -18.76
CA ALA B 44 16.74 17.30 -20.13
C ALA B 44 17.10 18.33 -21.21
N GLY B 45 17.98 17.95 -22.13
CA GLY B 45 18.38 18.86 -23.20
C GLY B 45 19.63 19.65 -22.88
N LEU B 46 20.13 19.50 -21.66
CA LEU B 46 21.32 20.24 -21.15
C LEU B 46 22.29 19.27 -20.50
N SER B 47 23.50 19.73 -20.18
CA SER B 47 24.43 18.88 -19.45
C SER B 47 24.13 18.97 -17.95
N TRP B 48 24.54 17.96 -17.17
CA TRP B 48 24.35 18.04 -15.74
C TRP B 48 25.12 19.19 -15.12
N LEU B 49 26.35 19.41 -15.59
CA LEU B 49 27.17 20.50 -15.05
C LEU B 49 26.46 21.87 -15.23
N THR B 50 25.80 22.04 -16.38
CA THR B 50 24.98 23.24 -16.63
C THR B 50 23.98 23.46 -15.50
N ILE B 51 23.30 22.39 -15.06
CA ILE B 51 22.35 22.51 -13.94
C ILE B 51 23.03 22.75 -12.59
N LEU B 52 24.12 22.03 -12.34
CA LEU B 52 24.85 22.20 -11.08
CA LEU B 52 24.87 22.22 -11.08
C LEU B 52 25.25 23.67 -10.89
N LYS B 53 25.63 24.33 -11.98
CA LYS B 53 26.02 25.73 -11.92
C LYS B 53 24.82 26.67 -11.70
N LYS B 54 23.61 26.16 -11.87
CA LYS B 54 22.42 26.97 -11.64
C LYS B 54 21.81 26.70 -10.27
N LYS B 55 22.49 25.89 -9.44
CA LYS B 55 21.90 25.47 -8.15
C LYS B 55 21.51 26.66 -7.24
N GLU B 56 22.43 27.61 -7.07
CA GLU B 56 22.18 28.77 -6.20
C GLU B 56 21.06 29.67 -6.77
N ALA B 57 21.06 29.86 -8.09
CA ALA B 57 19.98 30.63 -8.75
C ALA B 57 18.59 30.00 -8.47
N TYR B 58 18.52 28.67 -8.61
CA TYR B 58 17.25 27.97 -8.36
C TYR B 58 16.82 28.09 -6.91
N GLU B 59 17.78 28.00 -5.99
CA GLU B 59 17.50 28.14 -4.56
C GLU B 59 16.89 29.50 -4.27
N GLU B 60 17.45 30.54 -4.88
CA GLU B 60 16.88 31.86 -4.68
C GLU B 60 15.51 32.03 -5.35
N ALA B 61 15.35 31.54 -6.58
CA ALA B 61 14.08 31.66 -7.34
C ALA B 61 12.93 30.88 -6.73
N PHE B 62 13.26 29.77 -6.05
CA PHE B 62 12.24 28.87 -5.54
C PHE B 62 12.18 28.80 -4.02
N TYR B 63 12.47 29.93 -3.36
CA TYR B 63 12.24 30.05 -1.91
C TYR B 63 12.96 28.95 -1.15
N ASP B 64 14.21 28.70 -1.55
CA ASP B 64 15.04 27.67 -0.95
C ASP B 64 14.40 26.27 -0.96
N PHE B 65 13.58 26.04 -1.97
CA PHE B 65 12.89 24.76 -2.17
C PHE B 65 12.04 24.31 -0.99
N GLU B 66 11.41 25.30 -0.34
CA GLU B 66 10.35 25.05 0.66
C GLU B 66 9.06 24.72 -0.07
N PRO B 67 8.66 23.44 -0.04
CA PRO B 67 7.53 23.02 -0.86
C PRO B 67 6.22 23.77 -0.59
N GLU B 68 5.97 24.12 0.67
CA GLU B 68 4.72 24.83 0.98
C GLU B 68 4.66 26.14 0.21
N LYS B 69 5.78 26.83 0.07
CA LYS B 69 5.82 28.09 -0.65
C LYS B 69 5.86 27.87 -2.16
N VAL B 70 6.69 26.94 -2.62
CA VAL B 70 6.76 26.61 -4.06
C VAL B 70 5.38 26.18 -4.59
N ALA B 71 4.65 25.39 -3.81
CA ALA B 71 3.40 24.83 -4.32
C ALA B 71 2.34 25.90 -4.60
N GLN B 72 2.49 27.06 -3.97
CA GLN B 72 1.56 28.18 -4.12
C GLN B 72 1.93 29.16 -5.24
N MET B 73 3.00 28.90 -5.97
CA MET B 73 3.45 29.81 -7.05
C MET B 73 2.41 29.84 -8.17
N THR B 74 2.15 31.04 -8.69
CA THR B 74 1.11 31.24 -9.70
C THR B 74 1.70 31.36 -11.09
N ALA B 75 0.82 31.45 -12.09
CA ALA B 75 1.29 31.61 -13.46
C ALA B 75 2.07 32.93 -13.58
N GLN B 76 1.68 33.93 -12.76
CA GLN B 76 2.38 35.21 -12.76
C GLN B 76 3.76 35.09 -12.13
N ASP B 77 3.88 34.28 -11.08
CA ASP B 77 5.19 34.00 -10.46
C ASP B 77 6.09 33.32 -11.49
N ILE B 78 5.54 32.35 -12.20
CA ILE B 78 6.31 31.65 -13.26
C ILE B 78 6.71 32.62 -14.40
N ASP B 79 5.80 33.52 -14.77
CA ASP B 79 6.11 34.58 -15.75
C ASP B 79 7.34 35.32 -15.33
N ARG B 80 7.37 35.75 -14.06
CA ARG B 80 8.53 36.49 -13.55
C ARG B 80 9.82 35.69 -13.60
N LEU B 81 9.71 34.38 -13.31
CA LEU B 81 10.87 33.51 -13.33
C LEU B 81 11.43 33.30 -14.71
N MET B 82 10.65 33.58 -15.74
CA MET B 82 11.14 33.40 -17.12
C MET B 82 12.28 34.35 -17.48
N THR B 83 12.49 35.38 -16.65
CA THR B 83 13.69 36.21 -16.78
C THR B 83 14.53 36.28 -15.51
N PHE B 84 14.28 35.37 -14.55
CA PHE B 84 15.11 35.35 -13.33
C PHE B 84 16.54 34.94 -13.71
N PRO B 85 17.55 35.67 -13.23
CA PRO B 85 18.89 35.39 -13.75
C PRO B 85 19.41 33.98 -13.43
N ASN B 86 19.88 33.28 -14.47
CA ASN B 86 20.61 32.00 -14.33
C ASN B 86 19.81 30.76 -13.87
N ILE B 87 18.49 30.75 -14.08
CA ILE B 87 17.75 29.49 -14.07
C ILE B 87 17.40 29.15 -15.52
N VAL B 88 16.84 27.97 -15.77
CA VAL B 88 16.54 27.58 -17.16
C VAL B 88 15.22 28.21 -17.55
N HIS B 89 15.23 29.06 -18.58
CA HIS B 89 14.02 29.79 -18.97
C HIS B 89 13.17 28.98 -19.91
N HIS B 90 12.61 27.90 -19.39
CA HIS B 90 11.79 26.94 -20.11
C HIS B 90 10.54 26.82 -19.30
N ARG B 91 9.44 27.35 -19.81
CA ARG B 91 8.25 27.54 -18.99
C ARG B 91 7.72 26.21 -18.40
N LYS B 92 7.63 25.17 -19.22
CA LYS B 92 7.12 23.90 -18.70
C LYS B 92 8.08 23.28 -17.66
N LYS B 93 9.39 23.43 -17.83
CA LYS B 93 10.35 22.97 -16.81
C LYS B 93 10.13 23.69 -15.47
N LEU B 94 9.87 24.99 -15.52
CA LEU B 94 9.66 25.76 -14.28
C LEU B 94 8.30 25.45 -13.63
N GLU B 95 7.27 25.36 -14.46
CA GLU B 95 5.94 24.92 -14.00
C GLU B 95 6.01 23.53 -13.34
N ALA B 96 6.83 22.64 -13.90
CA ALA B 96 6.97 21.26 -13.38
C ALA B 96 7.39 21.27 -11.91
N ILE B 97 8.24 22.22 -11.52
CA ILE B 97 8.71 22.29 -10.12
C ILE B 97 7.55 22.59 -9.16
N VAL B 98 6.66 23.48 -9.59
CA VAL B 98 5.46 23.77 -8.80
C VAL B 98 4.57 22.52 -8.63
N ASN B 99 4.38 21.76 -9.71
CA ASN B 99 3.60 20.52 -9.66
C ASN B 99 4.26 19.48 -8.75
N GLN B 100 5.59 19.42 -8.84
CA GLN B 100 6.38 18.55 -7.96
C GLN B 100 6.18 18.92 -6.48
N ALA B 101 6.19 20.21 -6.20
CA ALA B 101 5.97 20.66 -4.83
C ALA B 101 4.58 20.28 -4.32
N GLN B 102 3.57 20.46 -5.17
CA GLN B 102 2.21 20.01 -4.80
C GLN B 102 2.20 18.50 -4.50
N GLY B 103 2.89 17.72 -5.33
CA GLY B 103 2.95 16.26 -5.16
C GLY B 103 3.63 15.86 -3.85
N TYR B 104 4.70 16.57 -3.55
CA TYR B 104 5.43 16.39 -2.29
C TYR B 104 4.49 16.59 -1.09
N LEU B 105 3.67 17.64 -1.14
CA LEU B 105 2.74 17.93 -0.04
C LEU B 105 1.70 16.81 0.13
N LYS B 106 1.24 16.27 -0.99
CA LYS B 106 0.30 15.15 -0.95
C LYS B 106 0.95 13.90 -0.38
N ILE B 107 2.20 13.65 -0.77
CA ILE B 107 2.93 12.51 -0.26
C ILE B 107 3.14 12.62 1.26
N GLU B 108 3.54 13.78 1.74
CA GLU B 108 3.77 13.97 3.17
C GLU B 108 2.51 13.78 4.00
N GLN B 109 1.36 14.15 3.44
CA GLN B 109 0.11 13.99 4.18
C GLN B 109 -0.22 12.51 4.40
N ALA B 110 0.07 11.68 3.40
CA ALA B 110 -0.18 10.22 3.48
C ALA B 110 0.94 9.45 4.19
N TYR B 111 2.18 9.90 4.02
CA TYR B 111 3.34 9.12 4.45
C TYR B 111 4.13 9.74 5.59
N GLY B 112 3.71 10.93 6.02
CA GLY B 112 4.45 11.70 7.00
C GLY B 112 5.67 12.45 6.48
N SER B 113 6.47 11.78 5.64
CA SER B 113 7.73 12.35 5.18
C SER B 113 8.03 11.90 3.75
N PHE B 114 8.38 12.86 2.89
CA PHE B 114 8.79 12.58 1.52
C PHE B 114 10.01 11.64 1.52
N SER B 115 10.94 11.90 2.44
CA SER B 115 12.13 11.05 2.57
C SER B 115 11.76 9.60 2.90
N LYS B 116 10.85 9.39 3.87
CA LYS B 116 10.37 8.05 4.21
CA LYS B 116 10.39 8.04 4.21
C LYS B 116 9.80 7.37 2.97
N PHE B 117 9.02 8.12 2.19
CA PHE B 117 8.41 7.58 0.96
C PHE B 117 9.51 7.13 -0.03
N LEU B 118 10.47 8.02 -0.29
CA LEU B 118 11.55 7.67 -1.26
C LEU B 118 12.40 6.52 -0.79
N TRP B 119 12.81 6.57 0.47
CA TRP B 119 13.71 5.54 0.99
C TRP B 119 13.07 4.16 1.06
N SER B 120 11.74 4.10 1.05
CA SER B 120 11.09 2.79 1.05
C SER B 120 11.42 1.99 -0.21
N TYR B 121 11.82 2.68 -1.28
CA TYR B 121 12.11 2.02 -2.53
C TYR B 121 13.41 1.24 -2.48
N VAL B 122 14.22 1.48 -1.44
CA VAL B 122 15.43 0.67 -1.20
C VAL B 122 15.41 0.04 0.19
N ASN B 123 14.21 -0.12 0.74
CA ASN B 123 14.02 -0.69 2.07
CA ASN B 123 14.02 -0.69 2.06
C ASN B 123 14.83 0.05 3.15
N GLY B 124 14.95 1.36 2.98
CA GLY B 124 15.63 2.23 3.96
C GLY B 124 17.15 2.12 4.01
N LYS B 125 17.75 1.41 3.07
CA LYS B 125 19.20 1.18 3.12
C LYS B 125 19.80 1.43 1.76
N PRO B 126 20.90 2.19 1.69
CA PRO B 126 21.51 2.47 0.39
C PRO B 126 21.90 1.19 -0.31
N LYS B 127 21.61 1.11 -1.61
CA LYS B 127 21.98 -0.04 -2.44
C LYS B 127 23.34 0.19 -3.08
N ASP B 128 24.33 -0.58 -2.66
CA ASP B 128 25.66 -0.50 -3.25
C ASP B 128 25.63 -1.23 -4.59
N LEU B 129 25.80 -0.48 -5.68
CA LEU B 129 25.73 -1.05 -7.02
C LEU B 129 27.00 -1.82 -7.38
N GLN B 130 28.04 -1.70 -6.54
CA GLN B 130 29.27 -2.50 -6.64
C GLN B 130 30.04 -2.37 -7.97
N TYR B 131 29.96 -1.20 -8.58
CA TYR B 131 30.67 -0.95 -9.83
C TYR B 131 32.19 -0.91 -9.64
N GLU B 132 32.91 -1.40 -10.65
CA GLU B 132 34.38 -1.33 -10.66
C GLU B 132 34.87 -0.37 -11.75
N HIS B 133 34.17 -0.31 -12.87
CA HIS B 133 34.54 0.60 -13.96
C HIS B 133 33.36 1.44 -14.35
N ALA B 134 33.63 2.64 -14.86
CA ALA B 134 32.55 3.54 -15.31
C ALA B 134 31.68 2.82 -16.34
N SER B 135 32.31 1.96 -17.14
CA SER B 135 31.61 1.14 -18.15
C SER B 135 30.59 0.16 -17.55
N ASP B 136 30.67 -0.09 -16.24
CA ASP B 136 29.68 -0.94 -15.53
C ASP B 136 28.35 -0.21 -15.34
N ARG B 137 28.38 1.13 -15.36
CA ARG B 137 27.16 1.89 -15.01
C ARG B 137 26.01 1.70 -15.97
N ILE B 138 24.85 1.36 -15.41
CA ILE B 138 23.61 1.28 -16.16
C ILE B 138 22.92 2.64 -16.05
N THR B 139 21.84 2.85 -16.81
CA THR B 139 21.23 4.18 -16.83
C THR B 139 19.78 4.23 -16.37
N VAL B 140 19.21 3.05 -16.11
CA VAL B 140 17.79 2.91 -15.75
C VAL B 140 17.57 1.48 -15.25
N ASP B 141 16.61 1.31 -14.35
CA ASP B 141 16.28 -0.03 -13.89
C ASP B 141 14.81 -0.08 -13.50
N ASP B 142 14.34 -1.24 -13.06
CA ASP B 142 12.92 -1.42 -12.75
C ASP B 142 12.43 -0.54 -11.58
N THR B 143 13.24 -0.43 -10.54
CA THR B 143 12.88 0.43 -9.39
C THR B 143 12.67 1.89 -9.76
N ALA B 144 13.61 2.44 -10.52
CA ALA B 144 13.52 3.82 -11.02
C ALA B 144 12.28 3.99 -11.89
N THR B 145 11.97 2.98 -12.73
CA THR B 145 10.79 3.05 -13.58
C THR B 145 9.49 3.09 -12.73
N GLN B 146 9.40 2.20 -11.76
CA GLN B 146 8.22 2.19 -10.89
C GLN B 146 8.09 3.47 -10.07
N LEU B 147 9.21 3.95 -9.52
CA LEU B 147 9.20 5.21 -8.73
C LEU B 147 8.72 6.38 -9.61
N SER B 148 9.25 6.45 -10.83
CA SER B 148 8.79 7.46 -11.77
C SER B 148 7.28 7.41 -11.95
N LYS B 149 6.74 6.20 -12.13
CA LYS B 149 5.32 6.04 -12.36
C LYS B 149 4.53 6.44 -11.12
N ASP B 150 5.04 6.06 -9.94
CA ASP B 150 4.34 6.38 -8.67
C ASP B 150 4.32 7.88 -8.40
N LEU B 151 5.42 8.54 -8.72
CA LEU B 151 5.49 9.99 -8.56
C LEU B 151 4.52 10.70 -9.49
N LYS B 152 4.41 10.20 -10.72
CA LYS B 152 3.50 10.76 -11.72
C LYS B 152 2.06 10.78 -11.19
N GLN B 153 1.68 9.74 -10.46
CA GLN B 153 0.34 9.68 -9.89
C GLN B 153 0.05 10.77 -8.88
N TYR B 154 1.11 11.29 -8.24
CA TYR B 154 0.98 12.38 -7.26
C TYR B 154 1.06 13.75 -7.89
N GLY B 155 1.32 13.78 -9.19
CA GLY B 155 1.31 15.03 -9.92
C GLY B 155 2.68 15.54 -10.29
N PHE B 156 3.72 14.74 -10.01
CA PHE B 156 5.08 15.16 -10.36
C PHE B 156 5.21 15.14 -11.87
N LYS B 157 6.00 16.06 -12.42
CA LYS B 157 6.19 16.20 -13.85
C LYS B 157 7.66 16.30 -14.18
N PHE B 158 8.00 15.91 -15.41
CA PHE B 158 9.38 15.98 -15.94
C PHE B 158 10.34 15.04 -15.22
N LEU B 159 9.81 13.94 -14.70
CA LEU B 159 10.64 12.97 -13.96
C LEU B 159 10.41 11.57 -14.47
N GLY B 160 10.91 11.31 -15.66
CA GLY B 160 10.78 9.99 -16.28
C GLY B 160 11.75 8.99 -15.65
N PRO B 161 11.73 7.73 -16.12
CA PRO B 161 12.52 6.68 -15.48
C PRO B 161 14.04 6.91 -15.46
N VAL B 162 14.60 7.35 -16.58
CA VAL B 162 16.06 7.60 -16.66
C VAL B 162 16.47 8.74 -15.70
N THR B 163 15.67 9.81 -15.68
CA THR B 163 15.87 10.95 -14.75
C THR B 163 15.80 10.52 -13.30
N VAL B 164 14.81 9.69 -12.95
CA VAL B 164 14.68 9.19 -11.58
C VAL B 164 15.88 8.31 -11.22
N PHE B 165 16.34 7.49 -12.15
CA PHE B 165 17.53 6.66 -11.89
C PHE B 165 18.74 7.53 -11.54
N SER B 166 18.96 8.58 -12.32
CA SER B 166 20.04 9.53 -12.04
C SER B 166 19.88 10.13 -10.63
N PHE B 167 18.63 10.47 -10.27
CA PHE B 167 18.33 11.00 -8.94
C PHE B 167 18.69 10.01 -7.85
N LEU B 168 18.34 8.73 -8.03
CA LEU B 168 18.63 7.72 -7.01
C LEU B 168 20.13 7.63 -6.75
N GLU B 169 20.95 7.67 -7.82
CA GLU B 169 22.42 7.69 -7.64
C GLU B 169 22.90 8.96 -6.95
N ALA B 170 22.35 10.09 -7.35
CA ALA B 170 22.79 11.38 -6.83
C ALA B 170 22.50 11.51 -5.32
N ALA B 171 21.33 11.02 -4.89
CA ALA B 171 20.88 11.13 -3.49
C ALA B 171 21.40 9.99 -2.64
N GLY B 172 22.12 9.05 -3.25
CA GLY B 172 22.78 7.98 -2.55
C GLY B 172 21.86 6.87 -2.09
N LEU B 173 20.62 6.84 -2.59
CA LEU B 173 19.76 5.65 -2.41
C LEU B 173 20.40 4.47 -3.16
N TYR B 174 21.02 4.79 -4.29
CA TYR B 174 21.99 3.93 -4.97
C TYR B 174 23.39 4.54 -4.84
N ASP B 175 24.40 3.68 -4.64
CA ASP B 175 25.80 4.12 -4.62
C ASP B 175 26.47 3.62 -5.92
N ALA B 176 26.71 4.57 -6.82
CA ALA B 176 27.31 4.29 -8.11
C ALA B 176 28.79 4.71 -8.18
N HIS B 177 29.41 4.96 -7.02
CA HIS B 177 30.86 5.21 -7.00
C HIS B 177 31.62 3.96 -7.31
N LEU B 178 32.75 4.11 -7.97
CA LEU B 178 33.58 2.95 -8.30
C LEU B 178 34.27 2.39 -7.05
N LYS B 179 34.56 1.09 -7.08
CA LYS B 179 35.16 0.38 -5.94
C LYS B 179 36.38 1.09 -5.39
N ASP B 180 37.29 1.53 -6.25
CA ASP B 180 38.53 2.15 -5.80
C ASP B 180 38.44 3.67 -5.60
N CYS B 181 37.26 4.26 -5.78
CA CYS B 181 37.11 5.71 -5.57
C CYS B 181 37.19 6.07 -4.09
N PRO B 182 38.03 7.06 -3.71
CA PRO B 182 38.16 7.43 -2.29
C PRO B 182 36.91 8.07 -1.69
N SER B 183 36.03 8.59 -2.54
CA SER B 183 34.79 9.24 -2.08
C SER B 183 33.61 8.28 -1.92
N LYS B 184 33.80 7.00 -2.26
CA LYS B 184 32.75 5.99 -2.11
C LYS B 184 32.33 5.91 -0.65
N PRO B 185 31.00 6.04 -0.36
CA PRO B 185 30.59 5.96 1.03
C PRO B 185 30.78 4.56 1.62
N LYS B 186 31.00 4.50 2.92
CA LYS B 186 31.05 3.23 3.63
C LYS B 186 29.61 2.75 3.83
N HIS B 187 29.38 1.45 3.80
CA HIS B 187 28.00 0.98 3.98
C HIS B 187 27.84 0.05 5.14
N MET C 3 -15.15 -31.76 -26.68
CA MET C 3 -13.73 -31.53 -26.35
C MET C 3 -13.26 -32.35 -25.16
N ASN C 4 -12.14 -33.04 -25.36
CA ASN C 4 -11.45 -33.68 -24.25
C ASN C 4 -11.11 -32.69 -23.14
N GLU C 5 -10.66 -31.50 -23.53
CA GLU C 5 -10.20 -30.48 -22.59
C GLU C 5 -11.31 -29.97 -21.68
N CYS C 6 -12.50 -29.77 -22.24
CA CYS C 6 -13.64 -29.26 -21.46
C CYS C 6 -14.12 -30.30 -20.45
N ALA C 7 -14.14 -31.55 -20.89
CA ALA C 7 -14.73 -32.65 -20.15
C ALA C 7 -13.75 -33.28 -19.16
N PHE C 8 -12.93 -32.43 -18.54
CA PHE C 8 -12.06 -32.80 -17.42
C PHE C 8 -11.09 -33.94 -17.76
N GLY C 9 -10.70 -34.01 -19.03
CA GLY C 9 -9.74 -35.01 -19.52
C GLY C 9 -10.14 -36.47 -19.37
N THR C 10 -11.41 -36.72 -19.08
CA THR C 10 -11.85 -38.06 -18.70
C THR C 10 -12.26 -38.93 -19.88
N LYS C 11 -12.09 -40.24 -19.70
CA LYS C 11 -12.63 -41.22 -20.64
C LYS C 11 -13.64 -42.16 -19.99
N ASP C 12 -14.02 -41.84 -18.76
CA ASP C 12 -14.99 -42.66 -18.05
C ASP C 12 -16.38 -42.41 -18.61
N PRO C 13 -17.10 -43.46 -19.04
CA PRO C 13 -18.45 -43.32 -19.59
C PRO C 13 -19.43 -42.58 -18.68
N VAL C 14 -19.37 -42.85 -17.38
CA VAL C 14 -20.25 -42.19 -16.43
C VAL C 14 -19.95 -40.68 -16.39
N TYR C 15 -18.67 -40.34 -16.38
CA TYR C 15 -18.27 -38.93 -16.29
C TYR C 15 -18.60 -38.21 -17.60
N LEU C 16 -18.39 -38.87 -18.73
CA LEU C 16 -18.72 -38.29 -20.04
C LEU C 16 -20.21 -38.00 -20.19
N ASN C 17 -21.04 -38.95 -19.75
CA ASN C 17 -22.49 -38.74 -19.75
C ASN C 17 -22.88 -37.56 -18.90
N TYR C 18 -22.24 -37.43 -17.73
CA TYR C 18 -22.48 -36.31 -16.84
C TYR C 18 -22.13 -34.97 -17.51
N HIS C 19 -20.92 -34.88 -18.09
CA HIS C 19 -20.48 -33.67 -18.79
C HIS C 19 -21.39 -33.30 -19.93
N ASP C 20 -21.75 -34.29 -20.74
CA ASP C 20 -22.52 -34.10 -21.98
C ASP C 20 -23.98 -33.70 -21.71
N HIS C 21 -24.55 -34.23 -20.64
CA HIS C 21 -26.00 -34.16 -20.45
C HIS C 21 -26.50 -33.40 -19.25
N VAL C 22 -25.69 -33.32 -18.19
CA VAL C 22 -26.10 -32.60 -16.98
C VAL C 22 -25.31 -31.31 -16.78
N TRP C 23 -23.99 -31.43 -16.70
CA TRP C 23 -23.13 -30.36 -16.20
C TRP C 23 -23.26 -29.10 -17.03
N GLY C 24 -23.62 -28.00 -16.38
CA GLY C 24 -23.75 -26.71 -17.08
C GLY C 24 -25.02 -26.50 -17.89
N GLN C 25 -25.90 -27.50 -17.95
CA GLN C 25 -27.20 -27.31 -18.61
C GLN C 25 -28.14 -26.63 -17.61
N PRO C 26 -28.68 -25.43 -17.94
CA PRO C 26 -29.54 -24.73 -16.98
C PRO C 26 -30.65 -25.60 -16.42
N LEU C 27 -30.76 -25.63 -15.10
CA LEU C 27 -31.72 -26.47 -14.40
C LEU C 27 -32.58 -25.53 -13.57
N TYR C 28 -33.88 -25.61 -13.79
CA TYR C 28 -34.84 -24.71 -13.12
C TYR C 28 -35.76 -25.45 -12.15
N ASP C 29 -35.65 -26.77 -12.11
CA ASP C 29 -36.55 -27.54 -11.25
C ASP C 29 -36.01 -27.52 -9.83
N SER C 30 -36.85 -27.12 -8.88
CA SER C 30 -36.41 -26.93 -7.48
C SER C 30 -35.86 -28.18 -6.81
N LYS C 31 -36.59 -29.31 -6.91
CA LYS C 31 -36.13 -30.57 -6.32
C LYS C 31 -34.83 -31.06 -6.97
N ALA C 32 -34.76 -30.95 -8.29
CA ALA C 32 -33.55 -31.38 -9.02
C ALA C 32 -32.33 -30.53 -8.62
N LEU C 33 -32.54 -29.23 -8.44
CA LEU C 33 -31.47 -28.35 -7.93
C LEU C 33 -31.03 -28.75 -6.53
N PHE C 34 -31.99 -29.09 -5.68
CA PHE C 34 -31.65 -29.54 -4.31
C PHE C 34 -30.78 -30.80 -4.35
N LYS C 35 -31.12 -31.73 -5.24
CA LYS C 35 -30.33 -32.96 -5.38
C LYS C 35 -28.86 -32.67 -5.79
N LEU C 36 -28.66 -31.81 -6.78
CA LEU C 36 -27.31 -31.48 -7.23
C LEU C 36 -26.52 -30.82 -6.11
N LEU C 37 -27.18 -29.88 -5.41
CA LEU C 37 -26.54 -29.17 -4.28
C LEU C 37 -26.15 -30.14 -3.16
N ALA C 38 -27.07 -31.02 -2.78
CA ALA C 38 -26.80 -32.02 -1.75
C ALA C 38 -25.63 -32.95 -2.12
N LEU C 39 -25.61 -33.43 -3.36
CA LEU C 39 -24.48 -34.25 -3.81
C LEU C 39 -23.15 -33.47 -3.78
N GLU C 40 -23.16 -32.20 -4.21
CA GLU C 40 -21.93 -31.40 -4.17
CA GLU C 40 -21.93 -31.37 -4.17
C GLU C 40 -21.38 -31.30 -2.75
N SER C 41 -22.27 -31.27 -1.75
CA SER C 41 -21.84 -31.18 -0.32
C SER C 41 -21.07 -32.41 0.17
N GLN C 42 -21.21 -33.52 -0.55
CA GLN C 42 -20.57 -34.77 -0.16
C GLN C 42 -19.16 -34.90 -0.73
N HIS C 43 -18.78 -33.97 -1.62
CA HIS C 43 -17.51 -34.03 -2.35
C HIS C 43 -16.23 -33.90 -1.55
N ALA C 44 -16.19 -32.94 -0.63
CA ALA C 44 -14.94 -32.57 0.04
C ALA C 44 -14.16 -33.76 0.61
N GLY C 45 -12.91 -33.93 0.17
CA GLY C 45 -12.07 -35.05 0.61
C GLY C 45 -12.05 -36.25 -0.33
N LEU C 46 -12.93 -36.23 -1.34
CA LEU C 46 -13.04 -37.31 -2.34
C LEU C 46 -12.98 -36.70 -3.72
N SER C 47 -12.91 -37.53 -4.76
CA SER C 47 -12.98 -37.03 -6.12
C SER C 47 -14.43 -36.84 -6.51
N TRP C 48 -14.69 -36.00 -7.51
CA TRP C 48 -16.06 -35.81 -7.99
C TRP C 48 -16.64 -37.08 -8.62
N LEU C 49 -15.85 -37.77 -9.44
CA LEU C 49 -16.32 -39.02 -10.06
C LEU C 49 -16.71 -40.05 -8.99
N THR C 50 -15.98 -40.10 -7.88
CA THR C 50 -16.32 -40.99 -6.77
C THR C 50 -17.78 -40.73 -6.32
N ILE C 51 -18.14 -39.45 -6.21
CA ILE C 51 -19.53 -39.07 -5.83
C ILE C 51 -20.54 -39.41 -6.92
N LEU C 52 -20.22 -39.10 -8.18
CA LEU C 52 -21.09 -39.53 -9.29
C LEU C 52 -21.40 -41.00 -9.25
N LYS C 53 -20.39 -41.81 -8.93
CA LYS C 53 -20.59 -43.27 -8.91
C LYS C 53 -21.37 -43.74 -7.66
N LYS C 54 -21.53 -42.84 -6.70
CA LYS C 54 -22.32 -43.12 -5.49
C LYS C 54 -23.74 -42.58 -5.57
N LYS C 55 -24.05 -41.89 -6.66
CA LYS C 55 -25.34 -41.21 -6.79
C LYS C 55 -26.56 -42.10 -6.56
N GLU C 56 -26.58 -43.28 -7.18
CA GLU C 56 -27.71 -44.21 -7.02
C GLU C 56 -27.87 -44.67 -5.56
N ALA C 57 -26.76 -44.92 -4.89
CA ALA C 57 -26.78 -45.32 -3.48
C ALA C 57 -27.32 -44.20 -2.61
N TYR C 58 -26.85 -42.97 -2.88
CA TYR C 58 -27.41 -41.76 -2.24
C TYR C 58 -28.90 -41.60 -2.47
N GLU C 59 -29.35 -41.81 -3.71
CA GLU C 59 -30.79 -41.72 -4.01
C GLU C 59 -31.59 -42.72 -3.17
N GLU C 60 -31.06 -43.92 -3.01
CA GLU C 60 -31.70 -44.94 -2.17
C GLU C 60 -31.74 -44.51 -0.73
N ALA C 61 -30.63 -43.94 -0.25
CA ALA C 61 -30.46 -43.61 1.15
C ALA C 61 -31.29 -42.39 1.55
N PHE C 62 -31.51 -41.48 0.60
CA PHE C 62 -32.14 -40.19 0.90
C PHE C 62 -33.47 -39.96 0.17
N TYR C 63 -34.22 -41.02 -0.07
CA TYR C 63 -35.57 -40.94 -0.66
C TYR C 63 -35.59 -40.11 -1.94
N ASP C 64 -34.64 -40.40 -2.82
CA ASP C 64 -34.36 -39.63 -4.04
C ASP C 64 -34.27 -38.12 -3.82
N PHE C 65 -33.76 -37.73 -2.64
CA PHE C 65 -33.55 -36.32 -2.29
C PHE C 65 -34.83 -35.49 -2.31
N GLU C 66 -35.94 -36.10 -1.91
CA GLU C 66 -37.18 -35.39 -1.71
C GLU C 66 -37.12 -34.64 -0.37
N PRO C 67 -37.09 -33.29 -0.40
CA PRO C 67 -36.78 -32.53 0.82
C PRO C 67 -37.73 -32.77 1.98
N GLU C 68 -39.02 -32.91 1.69
CA GLU C 68 -40.01 -33.17 2.72
C GLU C 68 -39.67 -34.44 3.51
N LYS C 69 -39.26 -35.50 2.79
CA LYS C 69 -38.94 -36.78 3.46
C LYS C 69 -37.58 -36.72 4.12
N VAL C 70 -36.60 -36.17 3.40
CA VAL C 70 -35.25 -36.03 3.94
C VAL C 70 -35.23 -35.19 5.22
N ALA C 71 -36.01 -34.11 5.23
CA ALA C 71 -36.09 -33.22 6.40
C ALA C 71 -36.57 -33.91 7.68
N GLN C 72 -37.26 -35.03 7.51
CA GLN C 72 -37.82 -35.76 8.65
CA GLN C 72 -37.83 -35.77 8.64
C GLN C 72 -36.93 -36.89 9.16
N MET C 73 -35.77 -37.10 8.53
CA MET C 73 -34.85 -38.14 8.97
C MET C 73 -34.29 -37.84 10.36
N THR C 74 -34.21 -38.89 11.17
CA THR C 74 -33.83 -38.80 12.58
C THR C 74 -32.35 -39.17 12.77
N ALA C 75 -31.88 -39.03 14.01
CA ALA C 75 -30.53 -39.43 14.40
C ALA C 75 -30.32 -40.94 14.18
N GLN C 76 -31.33 -41.74 14.45
CA GLN C 76 -31.28 -43.19 14.21
C GLN C 76 -31.17 -43.51 12.72
N ASP C 77 -31.89 -42.77 11.87
CA ASP C 77 -31.79 -42.98 10.42
C ASP C 77 -30.36 -42.74 9.95
N ILE C 78 -29.74 -41.66 10.43
CA ILE C 78 -28.34 -41.37 10.11
C ILE C 78 -27.41 -42.44 10.65
N ASP C 79 -27.70 -42.93 11.87
CA ASP C 79 -26.95 -44.06 12.44
C ASP C 79 -26.90 -45.22 11.46
N ARG C 80 -28.06 -45.57 10.91
CA ARG C 80 -28.17 -46.74 10.06
C ARG C 80 -27.43 -46.52 8.77
N LEU C 81 -27.44 -45.29 8.27
CA LEU C 81 -26.77 -44.96 7.04
C LEU C 81 -25.25 -45.06 7.17
N MET C 82 -24.74 -45.08 8.40
CA MET C 82 -23.30 -45.17 8.61
C MET C 82 -22.72 -46.53 8.19
N THR C 83 -23.59 -47.52 8.00
CA THR C 83 -23.20 -48.82 7.41
C THR C 83 -23.95 -49.16 6.10
N PHE C 84 -24.60 -48.18 5.49
CA PHE C 84 -25.27 -48.37 4.20
C PHE C 84 -24.20 -48.37 3.10
N PRO C 85 -24.23 -49.38 2.21
CA PRO C 85 -23.17 -49.55 1.23
C PRO C 85 -23.12 -48.43 0.18
N ASN C 86 -21.91 -48.03 -0.15
CA ASN C 86 -21.62 -47.08 -1.25
C ASN C 86 -22.08 -45.63 -1.08
N ILE C 87 -22.28 -45.21 0.16
CA ILE C 87 -22.39 -43.77 0.48
C ILE C 87 -21.20 -43.39 1.37
N VAL C 88 -20.91 -42.10 1.48
CA VAL C 88 -19.79 -41.64 2.28
C VAL C 88 -20.11 -41.76 3.77
N HIS C 89 -19.38 -42.62 4.48
CA HIS C 89 -19.65 -42.84 5.89
C HIS C 89 -18.98 -41.83 6.77
N HIS C 90 -19.45 -40.59 6.64
CA HIS C 90 -18.94 -39.46 7.38
C HIS C 90 -20.16 -38.83 8.01
N ARG C 91 -20.27 -38.96 9.32
CA ARG C 91 -21.53 -38.62 9.99
C ARG C 91 -22.01 -37.19 9.80
N LYS C 92 -21.14 -36.20 10.00
CA LYS C 92 -21.55 -34.81 9.82
C LYS C 92 -21.94 -34.51 8.36
N LYS C 93 -21.25 -35.16 7.41
CA LYS C 93 -21.60 -35.07 5.97
C LYS C 93 -23.01 -35.52 5.68
N LEU C 94 -23.40 -36.63 6.31
CA LEU C 94 -24.72 -37.21 6.08
C LEU C 94 -25.80 -36.39 6.79
N GLU C 95 -25.55 -36.03 8.04
CA GLU C 95 -26.43 -35.13 8.82
C GLU C 95 -26.69 -33.82 8.07
N ALA C 96 -25.66 -33.31 7.39
CA ALA C 96 -25.74 -32.07 6.62
C ALA C 96 -26.88 -32.07 5.61
N ILE C 97 -27.10 -33.20 4.93
CA ILE C 97 -28.18 -33.32 3.95
C ILE C 97 -29.57 -33.09 4.59
N VAL C 98 -29.76 -33.58 5.81
CA VAL C 98 -31.01 -33.36 6.55
C VAL C 98 -31.20 -31.86 6.82
N ASN C 99 -30.15 -31.18 7.29
CA ASN C 99 -30.19 -29.74 7.53
C ASN C 99 -30.46 -28.91 6.27
N GLN C 100 -29.85 -29.32 5.15
CA GLN C 100 -30.09 -28.71 3.84
C GLN C 100 -31.56 -28.81 3.46
N ALA C 101 -32.15 -30.00 3.65
CA ALA C 101 -33.55 -30.22 3.31
C ALA C 101 -34.46 -29.32 4.14
N GLN C 102 -34.15 -29.15 5.42
CA GLN C 102 -34.90 -28.23 6.27
C GLN C 102 -34.79 -26.81 5.72
N GLY C 103 -33.57 -26.41 5.33
CA GLY C 103 -33.34 -25.07 4.76
C GLY C 103 -34.10 -24.81 3.47
N TYR C 104 -34.13 -25.83 2.62
CA TYR C 104 -34.94 -25.81 1.40
C TYR C 104 -36.40 -25.49 1.70
N LEU C 105 -36.94 -26.13 2.71
CA LEU C 105 -38.35 -25.95 3.08
C LEU C 105 -38.64 -24.53 3.57
N LYS C 106 -37.72 -23.97 4.35
CA LYS C 106 -37.86 -22.59 4.81
C LYS C 106 -37.79 -21.58 3.64
N ILE C 107 -36.88 -21.81 2.70
CA ILE C 107 -36.77 -20.94 1.53
C ILE C 107 -38.06 -20.99 0.68
N GLU C 108 -38.57 -22.19 0.45
CA GLU C 108 -39.79 -22.33 -0.34
C GLU C 108 -41.00 -21.68 0.32
N GLN C 109 -41.04 -21.69 1.65
CA GLN C 109 -42.13 -21.01 2.36
C GLN C 109 -42.08 -19.50 2.15
N ALA C 110 -40.87 -18.95 2.13
CA ALA C 110 -40.65 -17.50 2.02
C ALA C 110 -40.70 -17.00 0.58
N TYR C 111 -40.20 -17.79 -0.37
CA TYR C 111 -40.10 -17.33 -1.76
C TYR C 111 -40.86 -18.17 -2.78
N GLY C 112 -41.56 -19.19 -2.28
CA GLY C 112 -42.38 -20.03 -3.14
C GLY C 112 -41.60 -21.14 -3.79
N SER C 113 -40.37 -20.87 -4.19
CA SER C 113 -39.61 -21.77 -5.02
C SER C 113 -38.11 -21.63 -4.75
N PHE C 114 -37.49 -22.75 -4.38
CA PHE C 114 -36.03 -22.83 -4.22
C PHE C 114 -35.31 -22.41 -5.51
N SER C 115 -35.84 -22.84 -6.65
CA SER C 115 -35.30 -22.43 -7.95
C SER C 115 -35.31 -20.92 -8.16
N LYS C 116 -36.46 -20.29 -7.91
CA LYS C 116 -36.56 -18.83 -7.97
C LYS C 116 -35.54 -18.12 -7.07
N PHE C 117 -35.37 -18.62 -5.85
CA PHE C 117 -34.39 -18.09 -4.91
C PHE C 117 -32.97 -18.19 -5.49
N LEU C 118 -32.61 -19.37 -5.99
CA LEU C 118 -31.24 -19.57 -6.54
C LEU C 118 -30.98 -18.71 -7.77
N TRP C 119 -31.92 -18.72 -8.71
CA TRP C 119 -31.75 -18.01 -9.97
C TRP C 119 -31.69 -16.51 -9.81
N SER C 120 -32.25 -15.97 -8.72
CA SER C 120 -32.16 -14.52 -8.45
C SER C 120 -30.71 -14.06 -8.28
N TYR C 121 -29.84 -14.94 -7.81
CA TYR C 121 -28.40 -14.62 -7.68
C TYR C 121 -27.68 -14.40 -9.00
N VAL C 122 -28.26 -14.85 -10.12
CA VAL C 122 -27.74 -14.53 -11.44
C VAL C 122 -28.77 -13.78 -12.30
N ASN C 123 -29.66 -13.04 -11.65
CA ASN C 123 -30.59 -12.18 -12.38
C ASN C 123 -31.49 -12.97 -13.32
N GLY C 124 -31.77 -14.22 -12.94
CA GLY C 124 -32.68 -15.08 -13.68
C GLY C 124 -32.15 -15.69 -14.96
N LYS C 125 -30.88 -15.43 -15.31
CA LYS C 125 -30.34 -15.96 -16.55
C LYS C 125 -28.91 -16.51 -16.39
N PRO C 126 -28.58 -17.62 -17.08
CA PRO C 126 -27.28 -18.23 -16.89
C PRO C 126 -26.15 -17.28 -17.23
N LYS C 127 -25.14 -17.27 -16.38
CA LYS C 127 -23.98 -16.44 -16.60
C LYS C 127 -22.95 -17.25 -17.39
N ASP C 128 -22.74 -16.89 -18.65
CA ASP C 128 -21.73 -17.52 -19.51
C ASP C 128 -20.37 -16.98 -19.11
N LEU C 129 -19.51 -17.86 -18.59
CA LEU C 129 -18.20 -17.46 -18.11
C LEU C 129 -17.22 -17.23 -19.26
N GLN C 130 -17.62 -17.63 -20.46
CA GLN C 130 -16.90 -17.38 -21.72
C GLN C 130 -15.48 -17.95 -21.76
N TYR C 131 -15.29 -19.11 -21.14
CA TYR C 131 -13.97 -19.75 -21.10
C TYR C 131 -13.58 -20.31 -22.46
N GLU C 132 -12.27 -20.32 -22.73
CA GLU C 132 -11.74 -20.92 -23.96
C GLU C 132 -10.79 -22.08 -23.68
N HIS C 133 -10.07 -22.00 -22.57
CA HIS C 133 -9.21 -23.09 -22.10
C HIS C 133 -9.60 -23.54 -20.74
N ALA C 134 -9.32 -24.81 -20.44
CA ALA C 134 -9.57 -25.32 -19.10
C ALA C 134 -8.78 -24.50 -18.08
N SER C 135 -7.61 -24.03 -18.49
CA SER C 135 -6.78 -23.19 -17.64
C SER C 135 -7.41 -21.82 -17.27
N ASP C 136 -8.47 -21.40 -17.96
CA ASP C 136 -9.19 -20.16 -17.60
C ASP C 136 -10.02 -20.35 -16.34
N ARG C 137 -10.36 -21.60 -16.03
CA ARG C 137 -11.35 -21.88 -14.98
C ARG C 137 -10.95 -21.44 -13.57
N ILE C 138 -11.83 -20.67 -12.93
CA ILE C 138 -11.65 -20.25 -11.53
C ILE C 138 -12.41 -21.24 -10.65
N THR C 139 -12.24 -21.14 -9.33
CA THR C 139 -12.87 -22.13 -8.44
C THR C 139 -13.81 -21.52 -7.41
N VAL C 140 -13.85 -20.21 -7.33
CA VAL C 140 -14.71 -19.50 -6.38
C VAL C 140 -14.89 -18.05 -6.88
N ASP C 141 -15.97 -17.39 -6.49
CA ASP C 141 -16.12 -15.95 -6.74
C ASP C 141 -17.01 -15.33 -5.67
N ASP C 142 -17.28 -14.03 -5.78
CA ASP C 142 -18.06 -13.32 -4.77
C ASP C 142 -19.51 -13.80 -4.65
N THR C 143 -20.15 -14.10 -5.77
CA THR C 143 -21.54 -14.56 -5.76
C THR C 143 -21.65 -15.91 -5.04
N ALA C 144 -20.72 -16.82 -5.31
CA ALA C 144 -20.73 -18.11 -4.63
C ALA C 144 -20.53 -17.95 -3.12
N THR C 145 -19.67 -17.02 -2.73
CA THR C 145 -19.44 -16.72 -1.32
C THR C 145 -20.71 -16.18 -0.67
N GLN C 146 -21.36 -15.23 -1.35
CA GLN C 146 -22.59 -14.60 -0.87
C GLN C 146 -23.71 -15.64 -0.74
N LEU C 147 -23.88 -16.46 -1.77
CA LEU C 147 -24.88 -17.51 -1.75
C LEU C 147 -24.61 -18.52 -0.65
N SER C 148 -23.35 -18.92 -0.49
CA SER C 148 -22.98 -19.83 0.56
C SER C 148 -23.33 -19.27 1.94
N LYS C 149 -22.99 -18.00 2.19
CA LYS C 149 -23.31 -17.36 3.47
C LYS C 149 -24.82 -17.26 3.68
N ASP C 150 -25.55 -16.94 2.61
CA ASP C 150 -27.02 -16.85 2.69
C ASP C 150 -27.70 -18.19 2.96
N LEU C 151 -27.23 -19.26 2.32
CA LEU C 151 -27.76 -20.61 2.56
C LEU C 151 -27.53 -21.02 4.01
N LYS C 152 -26.37 -20.66 4.54
CA LYS C 152 -26.02 -20.97 5.93
C LYS C 152 -27.08 -20.43 6.91
N GLN C 153 -27.63 -19.26 6.59
CA GLN C 153 -28.64 -18.60 7.41
C GLN C 153 -29.91 -19.42 7.56
N TYR C 154 -30.24 -20.18 6.52
CA TYR C 154 -31.46 -21.00 6.52
C TYR C 154 -31.23 -22.41 7.08
N GLY C 155 -29.98 -22.73 7.39
CA GLY C 155 -29.63 -23.98 8.07
C GLY C 155 -28.80 -24.95 7.25
N PHE C 156 -28.45 -24.56 6.02
CA PHE C 156 -27.63 -25.41 5.14
C PHE C 156 -26.24 -25.64 5.76
N LYS C 157 -25.72 -26.85 5.62
CA LYS C 157 -24.39 -27.21 6.18
C LYS C 157 -23.56 -27.87 5.09
N PHE C 158 -22.23 -27.88 5.26
CA PHE C 158 -21.29 -28.46 4.26
C PHE C 158 -21.36 -27.84 2.86
N LEU C 159 -21.71 -26.57 2.80
CA LEU C 159 -21.79 -25.87 1.51
C LEU C 159 -21.04 -24.55 1.57
N GLY C 160 -19.72 -24.65 1.61
CA GLY C 160 -18.83 -23.47 1.60
C GLY C 160 -18.78 -22.81 0.23
N PRO C 161 -18.08 -21.64 0.13
CA PRO C 161 -18.02 -20.90 -1.13
C PRO C 161 -17.52 -21.70 -2.34
N VAL C 162 -16.42 -22.44 -2.19
CA VAL C 162 -15.90 -23.27 -3.29
C VAL C 162 -16.91 -24.32 -3.75
N THR C 163 -17.53 -25.00 -2.79
CA THR C 163 -18.55 -26.01 -3.10
C THR C 163 -19.77 -25.41 -3.81
N VAL C 164 -20.25 -24.26 -3.32
CA VAL C 164 -21.36 -23.57 -3.98
C VAL C 164 -21.02 -23.13 -5.41
N PHE C 165 -19.78 -22.68 -5.61
CA PHE C 165 -19.32 -22.33 -6.96
C PHE C 165 -19.42 -23.53 -7.89
N SER C 166 -18.93 -24.69 -7.44
CA SER C 166 -19.01 -25.92 -8.24
C SER C 166 -20.45 -26.27 -8.58
N PHE C 167 -21.33 -26.09 -7.61
CA PHE C 167 -22.75 -26.28 -7.82
C PHE C 167 -23.31 -25.34 -8.88
N LEU C 168 -22.96 -24.06 -8.81
CA LEU C 168 -23.46 -23.08 -9.78
C LEU C 168 -23.11 -23.50 -11.21
N GLU C 169 -21.89 -24.01 -11.41
CA GLU C 169 -21.48 -24.54 -12.71
C GLU C 169 -22.28 -25.76 -13.11
N ALA C 170 -22.46 -26.69 -12.17
CA ALA C 170 -23.12 -27.95 -12.45
C ALA C 170 -24.56 -27.73 -12.84
N ALA C 171 -25.21 -26.77 -12.17
CA ALA C 171 -26.63 -26.48 -12.37
C ALA C 171 -26.91 -25.52 -13.53
N GLY C 172 -25.84 -25.04 -14.15
CA GLY C 172 -25.95 -24.15 -15.29
C GLY C 172 -26.35 -22.72 -14.96
N LEU C 173 -26.37 -22.36 -13.68
CA LEU C 173 -26.48 -20.94 -13.32
C LEU C 173 -25.23 -20.20 -13.80
N TYR C 174 -24.11 -20.91 -13.77
CA TYR C 174 -22.89 -20.52 -14.49
C TYR C 174 -22.66 -21.53 -15.62
N ASP C 175 -22.27 -21.03 -16.79
CA ASP C 175 -21.82 -21.90 -17.90
C ASP C 175 -20.29 -21.88 -17.96
N ALA C 176 -19.67 -23.00 -17.56
CA ALA C 176 -18.21 -23.15 -17.57
C ALA C 176 -17.69 -24.07 -18.68
N HIS C 177 -18.55 -24.38 -19.67
CA HIS C 177 -18.08 -25.11 -20.85
C HIS C 177 -17.17 -24.24 -21.67
N LEU C 178 -16.16 -24.85 -22.28
CA LEU C 178 -15.27 -24.10 -23.18
C LEU C 178 -15.99 -23.74 -24.47
N LYS C 179 -15.51 -22.66 -25.11
CA LYS C 179 -16.12 -22.11 -26.33
C LYS C 179 -16.43 -23.17 -27.40
N ASP C 180 -15.47 -24.06 -27.65
CA ASP C 180 -15.56 -25.04 -28.73
C ASP C 180 -16.10 -26.43 -28.31
N CYS C 181 -16.56 -26.55 -27.07
CA CYS C 181 -17.15 -27.81 -26.63
C CYS C 181 -18.53 -27.96 -27.27
N PRO C 182 -18.83 -29.13 -27.89
CA PRO C 182 -20.14 -29.44 -28.47
C PRO C 182 -21.31 -29.39 -27.47
N SER C 183 -21.02 -29.64 -26.19
CA SER C 183 -22.04 -29.66 -25.17
C SER C 183 -22.32 -28.29 -24.54
N LYS C 184 -21.58 -27.27 -24.98
CA LYS C 184 -21.82 -25.88 -24.57
C LYS C 184 -23.28 -25.51 -24.85
N PRO C 185 -24.05 -25.13 -23.80
CA PRO C 185 -25.44 -24.76 -24.06
C PRO C 185 -25.53 -23.45 -24.85
N LYS C 186 -26.58 -23.32 -25.66
CA LYS C 186 -26.83 -22.09 -26.39
C LYS C 186 -27.37 -21.06 -25.41
N HIS C 187 -26.92 -19.81 -25.53
CA HIS C 187 -27.44 -18.73 -24.67
C HIS C 187 -28.16 -17.68 -25.46
N ASN C 188 -29.41 -17.49 -25.11
CA ASN C 188 -30.28 -16.59 -25.85
C ASN C 188 -31.31 -16.00 -24.89
N GLY D 1 -0.56 21.27 7.35
CA GLY D 1 -0.50 22.23 6.22
C GLY D 1 -1.87 22.44 5.62
N ALA D 2 -1.91 23.06 4.44
CA ALA D 2 -3.18 23.36 3.78
C ALA D 2 -3.91 22.07 3.42
N MET D 3 -3.16 21.06 2.97
CA MET D 3 -3.83 19.81 2.63
C MET D 3 -4.50 19.13 3.80
N ASN D 4 -3.83 19.08 4.94
CA ASN D 4 -4.43 18.57 6.17
C ASN D 4 -5.72 19.32 6.52
N GLU D 5 -5.70 20.64 6.34
CA GLU D 5 -6.87 21.45 6.68
C GLU D 5 -8.00 21.25 5.69
N CYS D 6 -7.67 21.12 4.42
CA CYS D 6 -8.67 20.87 3.38
C CYS D 6 -9.24 19.46 3.43
N ALA D 7 -8.36 18.47 3.59
CA ALA D 7 -8.75 17.06 3.42
C ALA D 7 -9.16 16.41 4.74
N PHE D 8 -9.93 17.14 5.52
CA PHE D 8 -10.62 16.61 6.68
C PHE D 8 -9.66 16.02 7.73
N GLY D 9 -8.40 16.51 7.75
CA GLY D 9 -7.37 16.02 8.66
C GLY D 9 -6.98 14.55 8.52
N THR D 10 -7.38 13.92 7.42
CA THR D 10 -7.13 12.48 7.24
C THR D 10 -5.72 12.12 6.75
N LYS D 11 -5.24 10.97 7.22
CA LYS D 11 -4.02 10.35 6.70
C LYS D 11 -4.34 9.02 6.00
N ASP D 12 -5.63 8.71 5.87
CA ASP D 12 -6.11 7.45 5.32
C ASP D 12 -5.92 7.48 3.79
N PRO D 13 -5.19 6.48 3.24
CA PRO D 13 -4.81 6.56 1.82
C PRO D 13 -6.02 6.55 0.86
N VAL D 14 -7.02 5.75 1.19
CA VAL D 14 -8.28 5.71 0.43
C VAL D 14 -8.94 7.09 0.42
N TYR D 15 -9.03 7.73 1.59
CA TYR D 15 -9.66 9.06 1.69
C TYR D 15 -8.84 10.10 0.94
N LEU D 16 -7.52 10.00 1.04
CA LEU D 16 -6.64 10.97 0.42
C LEU D 16 -6.67 10.83 -1.09
N ASN D 17 -6.73 9.60 -1.58
CA ASN D 17 -6.84 9.37 -3.03
C ASN D 17 -8.17 9.93 -3.55
N TYR D 18 -9.22 9.76 -2.76
CA TYR D 18 -10.53 10.35 -3.05
C TYR D 18 -10.45 11.90 -3.13
N HIS D 19 -9.83 12.51 -2.12
CA HIS D 19 -9.64 13.96 -2.10
C HIS D 19 -8.91 14.49 -3.31
N ASP D 20 -7.83 13.82 -3.72
CA ASP D 20 -6.99 14.35 -4.81
C ASP D 20 -7.55 14.03 -6.20
N HIS D 21 -8.17 12.86 -6.34
CA HIS D 21 -8.54 12.40 -7.65
C HIS D 21 -10.00 12.54 -8.03
N VAL D 22 -10.87 12.83 -7.06
CA VAL D 22 -12.32 12.79 -7.32
C VAL D 22 -13.07 13.99 -6.75
N TRP D 23 -12.91 14.23 -5.45
CA TRP D 23 -13.71 15.22 -4.73
C TRP D 23 -13.54 16.59 -5.31
N GLY D 24 -14.66 17.20 -5.69
CA GLY D 24 -14.64 18.56 -6.23
C GLY D 24 -14.27 18.68 -7.70
N GLN D 25 -13.95 17.58 -8.37
CA GLN D 25 -13.67 17.63 -9.80
C GLN D 25 -14.97 17.52 -10.59
N PRO D 26 -15.28 18.52 -11.44
CA PRO D 26 -16.57 18.51 -12.13
C PRO D 26 -16.87 17.17 -12.81
N LEU D 27 -18.04 16.62 -12.49
CA LEU D 27 -18.48 15.34 -13.02
C LEU D 27 -19.71 15.57 -13.89
N TYR D 28 -19.60 15.21 -15.19
CA TYR D 28 -20.66 15.53 -16.16
C TYR D 28 -21.50 14.34 -16.65
N ASP D 29 -21.05 13.13 -16.36
CA ASP D 29 -21.73 11.94 -16.83
C ASP D 29 -22.97 11.67 -15.97
N SER D 30 -24.14 11.53 -16.62
CA SER D 30 -25.41 11.34 -15.93
C SER D 30 -25.41 10.11 -15.01
N LYS D 31 -24.91 8.99 -15.52
CA LYS D 31 -24.88 7.76 -14.72
C LYS D 31 -23.92 7.87 -13.55
N ALA D 32 -22.79 8.55 -13.77
CA ALA D 32 -21.79 8.76 -12.73
C ALA D 32 -22.33 9.67 -11.63
N LEU D 33 -23.10 10.69 -12.00
CA LEU D 33 -23.72 11.58 -11.02
C LEU D 33 -24.75 10.83 -10.18
N PHE D 34 -25.50 9.94 -10.83
CA PHE D 34 -26.46 9.09 -10.11
C PHE D 34 -25.79 8.24 -9.01
N LYS D 35 -24.69 7.57 -9.36
CA LYS D 35 -23.94 6.75 -8.40
C LYS D 35 -23.48 7.56 -7.17
N LEU D 36 -22.89 8.72 -7.42
CA LEU D 36 -22.40 9.56 -6.31
C LEU D 36 -23.54 9.99 -5.41
N LEU D 37 -24.65 10.41 -6.01
CA LEU D 37 -25.80 10.88 -5.24
C LEU D 37 -26.36 9.73 -4.40
N ALA D 38 -26.44 8.54 -5.00
CA ALA D 38 -26.91 7.36 -4.27
C ALA D 38 -26.02 7.03 -3.07
N LEU D 39 -24.70 7.09 -3.25
CA LEU D 39 -23.76 6.88 -2.13
C LEU D 39 -23.95 7.91 -0.99
N GLU D 40 -24.08 9.18 -1.33
CA GLU D 40 -24.37 10.22 -0.33
C GLU D 40 -25.62 9.88 0.51
N SER D 41 -26.63 9.29 -0.13
CA SER D 41 -27.87 8.96 0.57
C SER D 41 -27.72 7.87 1.64
N GLN D 42 -26.61 7.16 1.61
CA GLN D 42 -26.37 6.07 2.56
C GLN D 42 -25.66 6.57 3.83
N HIS D 43 -25.23 7.82 3.80
CA HIS D 43 -24.34 8.41 4.80
C HIS D 43 -24.95 8.63 6.17
N ALA D 44 -26.21 9.09 6.23
CA ALA D 44 -26.81 9.48 7.52
C ALA D 44 -26.67 8.43 8.63
N GLY D 45 -26.11 8.86 9.77
CA GLY D 45 -25.84 7.97 10.89
C GLY D 45 -24.45 7.35 10.87
N LEU D 46 -23.72 7.56 9.78
CA LEU D 46 -22.38 6.98 9.60
C LEU D 46 -21.40 8.08 9.19
N SER D 47 -20.10 7.76 9.15
CA SER D 47 -19.14 8.73 8.63
C SER D 47 -19.09 8.60 7.11
N TRP D 48 -18.61 9.66 6.45
CA TRP D 48 -18.42 9.59 5.00
C TRP D 48 -17.40 8.54 4.60
N LEU D 49 -16.30 8.47 5.33
CA LEU D 49 -15.25 7.46 5.02
C LEU D 49 -15.81 6.03 5.06
N THR D 50 -16.70 5.76 6.01
CA THR D 50 -17.38 4.46 6.09
C THR D 50 -18.05 4.10 4.75
N ILE D 51 -18.76 5.05 4.17
CA ILE D 51 -19.46 4.82 2.89
C ILE D 51 -18.49 4.68 1.72
N LEU D 52 -17.48 5.57 1.69
CA LEU D 52 -16.46 5.52 0.64
CA LEU D 52 -16.40 5.52 0.67
C LEU D 52 -15.81 4.13 0.56
N LYS D 53 -15.50 3.54 1.71
CA LYS D 53 -14.91 2.22 1.76
C LYS D 53 -15.87 1.10 1.35
N LYS D 54 -17.16 1.42 1.23
CA LYS D 54 -18.18 0.45 0.81
C LYS D 54 -18.57 0.66 -0.66
N LYS D 55 -17.90 1.60 -1.33
CA LYS D 55 -18.18 1.94 -2.73
C LYS D 55 -18.18 0.73 -3.70
N GLU D 56 -17.14 -0.10 -3.66
CA GLU D 56 -17.05 -1.26 -4.55
C GLU D 56 -18.16 -2.29 -4.30
N ALA D 57 -18.43 -2.53 -3.02
CA ALA D 57 -19.51 -3.42 -2.64
C ALA D 57 -20.89 -2.91 -3.14
N TYR D 58 -21.14 -1.61 -3.02
CA TYR D 58 -22.37 -1.01 -3.54
C TYR D 58 -22.51 -1.18 -5.06
N GLU D 59 -21.41 -0.99 -5.78
CA GLU D 59 -21.42 -1.16 -7.24
C GLU D 59 -21.76 -2.62 -7.60
N GLU D 60 -21.18 -3.54 -6.86
CA GLU D 60 -21.44 -4.98 -6.97
C GLU D 60 -22.92 -5.30 -6.73
N ALA D 61 -23.46 -4.77 -5.65
CA ALA D 61 -24.85 -5.02 -5.25
C ALA D 61 -25.90 -4.32 -6.14
N PHE D 62 -25.57 -3.14 -6.66
CA PHE D 62 -26.54 -2.38 -7.45
C PHE D 62 -26.24 -2.29 -8.95
N TYR D 63 -25.73 -3.38 -9.53
CA TYR D 63 -25.50 -3.46 -10.98
C TYR D 63 -24.75 -2.25 -11.54
N ASP D 64 -23.67 -1.88 -10.84
CA ASP D 64 -22.89 -0.65 -11.10
C ASP D 64 -23.73 0.60 -11.30
N PHE D 65 -24.82 0.67 -10.55
CA PHE D 65 -25.71 1.82 -10.55
C PHE D 65 -26.28 2.17 -11.92
N GLU D 66 -26.53 1.16 -12.74
CA GLU D 66 -27.27 1.29 -13.97
C GLU D 66 -28.75 1.49 -13.60
N PRO D 67 -29.26 2.72 -13.77
CA PRO D 67 -30.60 3.05 -13.28
C PRO D 67 -31.71 2.16 -13.83
N GLU D 68 -31.63 1.79 -15.11
CA GLU D 68 -32.64 0.93 -15.72
C GLU D 68 -32.76 -0.39 -14.97
N LYS D 69 -31.63 -0.96 -14.57
CA LYS D 69 -31.61 -2.21 -13.81
C LYS D 69 -32.00 -2.01 -12.34
N VAL D 70 -31.42 -1.01 -11.70
CA VAL D 70 -31.70 -0.72 -10.29
C VAL D 70 -33.19 -0.45 -10.05
N ALA D 71 -33.81 0.30 -10.98
CA ALA D 71 -35.23 0.64 -10.88
C ALA D 71 -36.15 -0.58 -10.90
N GLN D 72 -35.68 -1.66 -11.52
CA GLN D 72 -36.44 -2.92 -11.63
C GLN D 72 -36.39 -3.80 -10.37
N MET D 73 -35.54 -3.46 -9.41
CA MET D 73 -35.29 -4.31 -8.25
C MET D 73 -36.51 -4.51 -7.35
N THR D 74 -36.71 -5.74 -6.92
CA THR D 74 -37.92 -6.14 -6.19
C THR D 74 -37.66 -6.22 -4.69
N ALA D 75 -38.71 -6.41 -3.90
CA ALA D 75 -38.56 -6.60 -2.44
C ALA D 75 -37.68 -7.81 -2.15
N GLN D 76 -37.74 -8.80 -3.03
CA GLN D 76 -36.95 -10.03 -2.92
C GLN D 76 -35.48 -9.74 -3.15
N ASP D 77 -35.17 -8.87 -4.11
CA ASP D 77 -33.80 -8.42 -4.31
C ASP D 77 -33.28 -7.72 -3.04
N ILE D 78 -34.12 -6.90 -2.45
CA ILE D 78 -33.74 -6.17 -1.24
C ILE D 78 -33.57 -7.14 -0.07
N ASP D 79 -34.43 -8.15 0.00
CA ASP D 79 -34.27 -9.24 0.96
C ASP D 79 -32.85 -9.79 0.87
N ARG D 80 -32.38 -9.99 -0.36
CA ARG D 80 -31.06 -10.56 -0.59
C ARG D 80 -29.96 -9.56 -0.22
N LEU D 81 -30.15 -8.29 -0.57
CA LEU D 81 -29.15 -7.27 -0.25
C LEU D 81 -28.98 -7.00 1.25
N MET D 82 -29.98 -7.36 2.05
CA MET D 82 -29.89 -7.19 3.50
C MET D 82 -28.79 -8.02 4.16
N THR D 83 -28.23 -8.99 3.41
CA THR D 83 -27.10 -9.79 3.88
C THR D 83 -25.91 -9.76 2.90
N PHE D 84 -25.93 -8.79 1.99
CA PHE D 84 -24.86 -8.64 0.99
C PHE D 84 -23.60 -8.03 1.63
N PRO D 85 -22.45 -8.70 1.46
CA PRO D 85 -21.23 -8.28 2.18
C PRO D 85 -20.79 -6.83 1.90
N ASN D 86 -20.62 -6.05 2.97
CA ASN D 86 -20.03 -4.70 2.91
C ASN D 86 -20.88 -3.57 2.31
N ILE D 87 -22.20 -3.72 2.34
CA ILE D 87 -23.08 -2.55 2.17
C ILE D 87 -23.83 -2.31 3.47
N VAL D 88 -24.51 -1.17 3.58
CA VAL D 88 -25.24 -0.85 4.80
C VAL D 88 -26.55 -1.63 4.85
N HIS D 89 -26.71 -2.47 5.87
CA HIS D 89 -27.88 -3.30 6.02
C HIS D 89 -28.99 -2.58 6.74
N HIS D 90 -29.51 -1.56 6.06
CA HIS D 90 -30.56 -0.68 6.56
C HIS D 90 -31.59 -0.72 5.46
N ARG D 91 -32.72 -1.36 5.70
CA ARG D 91 -33.67 -1.67 4.62
C ARG D 91 -34.17 -0.42 3.87
N LYS D 92 -34.63 0.58 4.63
CA LYS D 92 -35.09 1.85 4.05
C LYS D 92 -34.00 2.54 3.23
N LYS D 93 -32.75 2.45 3.66
CA LYS D 93 -31.62 3.02 2.91
C LYS D 93 -31.43 2.34 1.56
N LEU D 94 -31.54 1.02 1.55
CA LEU D 94 -31.37 0.23 0.32
C LEU D 94 -32.55 0.44 -0.62
N GLU D 95 -33.76 0.40 -0.05
CA GLU D 95 -34.97 0.72 -0.79
C GLU D 95 -34.90 2.11 -1.42
N ALA D 96 -34.26 3.06 -0.73
CA ALA D 96 -34.12 4.42 -1.27
C ALA D 96 -33.37 4.44 -2.60
N ILE D 97 -32.34 3.61 -2.74
CA ILE D 97 -31.56 3.60 -3.98
C ILE D 97 -32.43 3.17 -5.19
N VAL D 98 -33.31 2.20 -4.97
CA VAL D 98 -34.24 1.74 -6.00
C VAL D 98 -35.18 2.87 -6.41
N ASN D 99 -35.75 3.54 -5.41
CA ASN D 99 -36.60 4.72 -5.67
C ASN D 99 -35.84 5.86 -6.36
N GLN D 100 -34.58 6.06 -6.01
CA GLN D 100 -33.77 7.07 -6.70
C GLN D 100 -33.58 6.71 -8.18
N ALA D 101 -33.36 5.43 -8.48
CA ALA D 101 -33.26 4.96 -9.88
C ALA D 101 -34.56 5.23 -10.63
N GLN D 102 -35.70 4.96 -10.00
CA GLN D 102 -36.99 5.28 -10.61
C GLN D 102 -37.10 6.78 -10.84
N GLY D 103 -36.67 7.57 -9.86
CA GLY D 103 -36.66 9.03 -9.96
C GLY D 103 -35.80 9.56 -11.08
N TYR D 104 -34.61 8.95 -11.23
CA TYR D 104 -33.70 9.25 -12.31
C TYR D 104 -34.39 9.12 -13.68
N LEU D 105 -35.10 8.00 -13.85
CA LEU D 105 -35.79 7.71 -15.11
C LEU D 105 -36.88 8.75 -15.39
N LYS D 106 -37.56 9.19 -14.33
CA LYS D 106 -38.58 10.24 -14.46
C LYS D 106 -37.98 11.59 -14.85
N ILE D 107 -36.86 11.96 -14.23
CA ILE D 107 -36.17 13.19 -14.59
C ILE D 107 -35.73 13.20 -16.07
N GLU D 108 -35.19 12.09 -16.55
CA GLU D 108 -34.71 12.03 -17.93
C GLU D 108 -35.85 12.12 -18.94
N GLN D 109 -37.01 11.56 -18.59
CA GLN D 109 -38.23 11.74 -19.39
C GLN D 109 -38.63 13.21 -19.51
N ALA D 110 -38.51 13.94 -18.40
CA ALA D 110 -38.94 15.34 -18.33
C ALA D 110 -37.92 16.35 -18.86
N TYR D 111 -36.63 16.05 -18.69
CA TYR D 111 -35.57 17.01 -19.02
C TYR D 111 -34.52 16.50 -20.00
N GLY D 112 -34.63 15.24 -20.41
CA GLY D 112 -33.67 14.66 -21.37
C GLY D 112 -32.46 14.01 -20.73
N SER D 113 -31.82 14.71 -19.79
CA SER D 113 -30.57 14.28 -19.18
C SER D 113 -30.53 14.61 -17.69
N PHE D 114 -30.20 13.62 -16.88
CA PHE D 114 -30.04 13.83 -15.45
C PHE D 114 -28.90 14.80 -15.15
N SER D 115 -27.81 14.70 -15.92
CA SER D 115 -26.68 15.64 -15.81
C SER D 115 -27.10 17.09 -16.08
N LYS D 116 -27.75 17.31 -17.22
CA LYS D 116 -28.26 18.64 -17.60
C LYS D 116 -29.18 19.20 -16.52
N PHE D 117 -30.04 18.35 -15.98
CA PHE D 117 -30.90 18.72 -14.85
C PHE D 117 -30.11 19.23 -13.64
N LEU D 118 -29.09 18.49 -13.21
CA LEU D 118 -28.30 18.88 -12.04
C LEU D 118 -27.50 20.17 -12.27
N TRP D 119 -26.81 20.22 -13.40
CA TRP D 119 -25.97 21.36 -13.72
C TRP D 119 -26.69 22.66 -13.91
N SER D 120 -27.99 22.61 -14.22
CA SER D 120 -28.80 23.82 -14.35
C SER D 120 -28.87 24.62 -13.04
N TYR D 121 -28.74 23.94 -11.90
CA TYR D 121 -28.70 24.60 -10.59
C TYR D 121 -27.45 25.46 -10.37
N VAL D 122 -26.41 25.26 -11.19
CA VAL D 122 -25.23 26.16 -11.16
C VAL D 122 -24.98 26.81 -12.53
N ASN D 123 -26.05 26.87 -13.34
CA ASN D 123 -26.00 27.50 -14.66
C ASN D 123 -24.94 26.88 -15.57
N GLY D 124 -24.75 25.58 -15.42
CA GLY D 124 -23.84 24.83 -16.29
C GLY D 124 -22.37 24.96 -16.00
N LYS D 125 -21.99 25.77 -15.01
CA LYS D 125 -20.57 25.90 -14.67
C LYS D 125 -20.26 25.75 -13.18
N PRO D 126 -19.11 25.11 -12.86
CA PRO D 126 -18.70 24.89 -11.48
C PRO D 126 -18.63 26.22 -10.72
N LYS D 127 -19.17 26.22 -9.50
CA LYS D 127 -19.08 27.37 -8.61
C LYS D 127 -17.89 27.18 -7.66
N ASP D 128 -16.87 28.00 -7.86
CA ASP D 128 -15.72 28.03 -6.95
C ASP D 128 -16.14 28.79 -5.72
N LEU D 129 -16.16 28.10 -4.57
CA LEU D 129 -16.58 28.74 -3.33
C LEU D 129 -15.50 29.64 -2.72
N GLN D 130 -14.28 29.55 -3.25
CA GLN D 130 -13.16 30.45 -2.90
C GLN D 130 -12.81 30.46 -1.42
N TYR D 131 -13.01 29.31 -0.78
CA TYR D 131 -12.65 29.13 0.63
C TYR D 131 -11.16 29.24 0.84
N GLU D 132 -10.76 29.85 1.96
CA GLU D 132 -9.33 29.85 2.32
C GLU D 132 -9.02 29.01 3.57
N HIS D 133 -9.98 28.90 4.48
CA HIS D 133 -9.85 28.08 5.67
C HIS D 133 -11.00 27.12 5.79
N ALA D 134 -10.76 25.99 6.44
CA ALA D 134 -11.80 25.00 6.66
C ALA D 134 -12.97 25.64 7.38
N SER D 135 -12.66 26.60 8.27
CA SER D 135 -13.73 27.30 9.02
C SER D 135 -14.64 28.18 8.15
N ASP D 136 -14.21 28.48 6.91
CA ASP D 136 -15.07 29.19 5.94
C ASP D 136 -16.26 28.34 5.46
N ARG D 137 -16.11 27.03 5.54
CA ARG D 137 -17.06 26.10 4.90
C ARG D 137 -18.45 26.14 5.49
N ILE D 138 -19.45 26.28 4.62
CA ILE D 138 -20.84 26.19 5.04
C ILE D 138 -21.31 24.73 4.81
N THR D 139 -22.51 24.38 5.28
CA THR D 139 -22.95 22.97 5.23
C THR D 139 -24.24 22.80 4.42
N VAL D 140 -24.87 23.91 4.08
CA VAL D 140 -26.15 23.91 3.36
C VAL D 140 -26.32 25.32 2.78
N ASP D 141 -27.09 25.44 1.71
CA ASP D 141 -27.43 26.76 1.17
C ASP D 141 -28.76 26.68 0.44
N ASP D 142 -29.23 27.82 -0.08
CA ASP D 142 -30.55 27.88 -0.72
C ASP D 142 -30.66 26.98 -1.96
N THR D 143 -29.57 26.90 -2.71
CA THR D 143 -29.50 26.03 -3.89
C THR D 143 -29.66 24.55 -3.54
N ALA D 144 -28.90 24.06 -2.55
CA ALA D 144 -28.99 22.66 -2.14
C ALA D 144 -30.38 22.35 -1.60
N THR D 145 -30.92 23.28 -0.82
CA THR D 145 -32.28 23.14 -0.29
C THR D 145 -33.31 23.00 -1.42
N GLN D 146 -33.17 23.83 -2.44
CA GLN D 146 -34.10 23.81 -3.58
C GLN D 146 -33.96 22.50 -4.36
N LEU D 147 -32.73 22.10 -4.66
CA LEU D 147 -32.46 20.85 -5.37
C LEU D 147 -32.98 19.65 -4.60
N SER D 148 -32.76 19.63 -3.28
CA SER D 148 -33.28 18.56 -2.43
C SER D 148 -34.81 18.42 -2.56
N LYS D 149 -35.52 19.53 -2.41
CA LYS D 149 -36.97 19.54 -2.58
C LYS D 149 -37.40 19.09 -3.98
N ASP D 150 -36.66 19.53 -4.99
CA ASP D 150 -36.97 19.19 -6.39
C ASP D 150 -36.79 17.71 -6.73
N LEU D 151 -35.70 17.12 -6.24
CA LEU D 151 -35.46 15.67 -6.42
C LEU D 151 -36.55 14.85 -5.74
N LYS D 152 -36.97 15.29 -4.55
CA LYS D 152 -38.03 14.62 -3.80
C LYS D 152 -39.31 14.42 -4.60
N GLN D 153 -39.62 15.39 -5.45
CA GLN D 153 -40.81 15.34 -6.31
C GLN D 153 -40.80 14.11 -7.21
N TYR D 154 -39.60 13.64 -7.55
CA TYR D 154 -39.42 12.54 -8.47
C TYR D 154 -39.23 11.21 -7.74
N GLY D 155 -39.35 11.25 -6.41
CA GLY D 155 -39.23 10.06 -5.58
C GLY D 155 -37.84 9.74 -5.05
N PHE D 156 -36.89 10.67 -5.21
CA PHE D 156 -35.58 10.49 -4.57
C PHE D 156 -35.83 10.53 -3.07
N LYS D 157 -35.20 9.63 -2.33
CA LYS D 157 -35.39 9.54 -0.88
C LYS D 157 -34.05 9.60 -0.17
N PHE D 158 -34.06 10.03 1.10
CA PHE D 158 -32.83 10.10 1.91
C PHE D 158 -31.82 11.14 1.41
N LEU D 159 -32.31 12.17 0.74
CA LEU D 159 -31.43 13.18 0.19
C LEU D 159 -31.86 14.58 0.63
N GLY D 160 -31.60 14.88 1.90
CA GLY D 160 -32.00 16.17 2.52
C GLY D 160 -31.08 17.28 2.06
N PRO D 161 -31.39 18.54 2.41
CA PRO D 161 -30.60 19.71 1.98
C PRO D 161 -29.09 19.61 2.28
N VAL D 162 -28.74 19.21 3.50
CA VAL D 162 -27.31 19.09 3.88
C VAL D 162 -26.63 18.02 3.03
N THR D 163 -27.31 16.88 2.85
CA THR D 163 -26.78 15.78 2.03
C THR D 163 -26.55 16.19 0.55
N VAL D 164 -27.51 16.89 -0.01
CA VAL D 164 -27.41 17.41 -1.37
C VAL D 164 -26.27 18.44 -1.49
N PHE D 165 -26.11 19.28 -0.47
CA PHE D 165 -24.97 20.21 -0.44
C PHE D 165 -23.63 19.45 -0.50
N SER D 166 -23.50 18.39 0.31
CA SER D 166 -22.29 17.56 0.27
C SER D 166 -22.08 16.97 -1.11
N PHE D 167 -23.18 16.54 -1.75
CA PHE D 167 -23.10 15.99 -3.10
C PHE D 167 -22.58 17.03 -4.12
N LEU D 168 -23.09 18.25 -4.04
CA LEU D 168 -22.63 19.30 -4.95
C LEU D 168 -21.14 19.49 -4.85
N GLU D 169 -20.63 19.52 -3.63
CA GLU D 169 -19.18 19.62 -3.42
C GLU D 169 -18.42 18.43 -3.99
N ALA D 170 -18.95 17.22 -3.79
CA ALA D 170 -18.25 16.01 -4.23
C ALA D 170 -18.15 15.93 -5.75
N ALA D 171 -19.26 16.25 -6.42
CA ALA D 171 -19.39 16.14 -7.86
C ALA D 171 -18.83 17.35 -8.60
N GLY D 172 -18.32 18.32 -7.83
CA GLY D 172 -17.64 19.48 -8.40
C GLY D 172 -18.57 20.52 -9.02
N LEU D 173 -19.87 20.43 -8.75
CA LEU D 173 -20.78 21.53 -9.10
C LEU D 173 -20.42 22.74 -8.24
N TYR D 174 -19.94 22.43 -7.04
CA TYR D 174 -19.29 23.36 -6.12
C TYR D 174 -17.85 22.90 -5.90
N ASP D 175 -16.91 23.85 -5.82
CA ASP D 175 -15.54 23.51 -5.47
C ASP D 175 -15.29 24.07 -4.08
N ALA D 176 -15.17 23.17 -3.11
CA ALA D 176 -14.98 23.55 -1.73
C ALA D 176 -13.55 23.30 -1.23
N HIS D 177 -12.60 23.03 -2.13
CA HIS D 177 -11.18 22.95 -1.73
C HIS D 177 -10.67 24.27 -1.28
N LEU D 178 -9.76 24.27 -0.32
CA LEU D 178 -9.14 25.52 0.15
C LEU D 178 -8.16 26.08 -0.90
N LYS D 179 -7.97 27.40 -0.89
CA LYS D 179 -7.13 28.09 -1.88
C LYS D 179 -5.74 27.45 -1.98
N ASP D 180 -5.15 27.14 -0.83
CA ASP D 180 -3.80 26.59 -0.79
C ASP D 180 -3.72 25.06 -0.83
N CYS D 181 -4.85 24.37 -0.99
CA CYS D 181 -4.80 22.90 -1.14
C CYS D 181 -4.08 22.48 -2.42
N PRO D 182 -3.11 21.55 -2.32
CA PRO D 182 -2.39 21.14 -3.53
C PRO D 182 -3.28 20.47 -4.57
N SER D 183 -4.50 20.10 -4.14
CA SER D 183 -5.49 19.41 -4.99
C SER D 183 -6.58 20.35 -5.51
N LYS D 184 -6.49 21.63 -5.19
CA LYS D 184 -7.43 22.66 -5.66
C LYS D 184 -7.60 22.59 -7.17
N PRO D 185 -8.83 22.32 -7.68
CA PRO D 185 -9.04 22.31 -9.14
C PRO D 185 -8.79 23.68 -9.79
N LYS D 186 -8.27 23.70 -11.01
CA LYS D 186 -8.16 24.95 -11.78
C LYS D 186 -9.52 25.26 -12.43
N HIS D 187 -9.81 26.54 -12.70
CA HIS D 187 -11.07 26.91 -13.35
C HIS D 187 -10.86 27.90 -14.45
N ASN D 188 -11.70 27.83 -15.49
CA ASN D 188 -11.59 28.70 -16.67
C ASN D 188 -12.44 29.97 -16.64
N GLY E 1 -2.51 -37.35 -24.62
CA GLY E 1 -1.81 -38.34 -23.76
C GLY E 1 -1.79 -37.95 -22.29
N ALA E 2 -0.90 -38.61 -21.53
CA ALA E 2 -0.87 -38.47 -20.08
C ALA E 2 -0.53 -37.05 -19.65
N MET E 3 0.46 -36.41 -20.29
CA MET E 3 0.81 -35.05 -19.88
C MET E 3 -0.38 -34.09 -20.06
N ASN E 4 -1.11 -34.22 -21.17
CA ASN E 4 -2.30 -33.41 -21.41
C ASN E 4 -3.32 -33.59 -20.27
N GLU E 5 -3.53 -34.84 -19.87
CA GLU E 5 -4.48 -35.13 -18.81
C GLU E 5 -3.97 -34.64 -17.45
N CYS E 6 -2.68 -34.83 -17.19
CA CYS E 6 -2.09 -34.45 -15.91
C CYS E 6 -2.02 -32.94 -15.73
N ALA E 7 -1.65 -32.24 -16.80
CA ALA E 7 -1.34 -30.82 -16.75
C ALA E 7 -2.51 -29.92 -17.16
N PHE E 8 -3.72 -30.32 -16.81
CA PHE E 8 -4.93 -29.48 -16.98
C PHE E 8 -5.18 -29.02 -18.42
N GLY E 9 -4.79 -29.86 -19.39
CA GLY E 9 -5.05 -29.66 -20.82
C GLY E 9 -4.36 -28.48 -21.46
N THR E 10 -3.37 -27.91 -20.77
CA THR E 10 -2.68 -26.71 -21.24
C THR E 10 -1.64 -27.00 -22.33
N LYS E 11 -1.54 -26.08 -23.30
CA LYS E 11 -0.47 -26.09 -24.31
C LYS E 11 0.45 -24.89 -24.15
N ASP E 12 0.20 -24.09 -23.11
CA ASP E 12 0.92 -22.86 -22.82
C ASP E 12 2.30 -23.24 -22.28
N PRO E 13 3.39 -22.79 -22.95
CA PRO E 13 4.76 -23.11 -22.52
C PRO E 13 5.06 -22.69 -21.08
N VAL E 14 4.60 -21.52 -20.65
CA VAL E 14 4.76 -21.09 -19.26
C VAL E 14 4.15 -22.09 -18.27
N TYR E 15 2.94 -22.58 -18.56
CA TYR E 15 2.28 -23.52 -17.65
C TYR E 15 2.97 -24.88 -17.72
N LEU E 16 3.37 -25.29 -18.92
CA LEU E 16 4.01 -26.59 -19.06
C LEU E 16 5.39 -26.65 -18.41
N ASN E 17 6.14 -25.55 -18.50
CA ASN E 17 7.44 -25.45 -17.81
C ASN E 17 7.27 -25.55 -16.29
N TYR E 18 6.26 -24.86 -15.77
CA TYR E 18 5.89 -24.97 -14.37
C TYR E 18 5.50 -26.42 -14.02
N HIS E 19 4.72 -27.06 -14.87
CA HIS E 19 4.33 -28.45 -14.60
C HIS E 19 5.53 -29.38 -14.50
N ASP E 20 6.52 -29.14 -15.35
CA ASP E 20 7.65 -30.03 -15.46
C ASP E 20 8.74 -29.70 -14.45
N HIS E 21 8.95 -28.43 -14.16
CA HIS E 21 10.10 -28.01 -13.33
C HIS E 21 9.77 -27.65 -11.91
N VAL E 22 8.49 -27.38 -11.64
CA VAL E 22 8.08 -26.94 -10.29
C VAL E 22 7.00 -27.84 -9.69
N TRP E 23 5.84 -27.92 -10.34
CA TRP E 23 4.68 -28.56 -9.74
C TRP E 23 4.96 -30.01 -9.38
N GLY E 24 4.78 -30.31 -8.08
CA GLY E 24 4.95 -31.68 -7.57
C GLY E 24 6.38 -32.18 -7.50
N GLN E 25 7.32 -31.30 -7.79
CA GLN E 25 8.75 -31.63 -7.66
C GLN E 25 9.19 -31.21 -6.25
N PRO E 26 9.62 -32.17 -5.41
CA PRO E 26 9.95 -31.87 -4.00
C PRO E 26 10.83 -30.63 -3.82
N LEU E 27 10.37 -29.71 -2.99
CA LEU E 27 11.10 -28.48 -2.75
C LEU E 27 11.37 -28.33 -1.25
N TYR E 28 12.65 -28.16 -0.91
CA TYR E 28 13.09 -28.17 0.49
C TYR E 28 13.55 -26.82 1.02
N ASP E 29 13.79 -25.85 0.14
CA ASP E 29 14.27 -24.53 0.56
C ASP E 29 13.15 -23.69 1.18
N SER E 30 13.39 -23.19 2.39
CA SER E 30 12.37 -22.46 3.17
C SER E 30 11.80 -21.23 2.49
N LYS E 31 12.67 -20.34 2.02
CA LYS E 31 12.23 -19.12 1.33
C LYS E 31 11.46 -19.45 0.03
N ALA E 32 11.92 -20.46 -0.68
CA ALA E 32 11.25 -20.95 -1.89
C ALA E 32 9.85 -21.48 -1.58
N LEU E 33 9.71 -22.19 -0.46
CA LEU E 33 8.41 -22.72 -0.03
C LEU E 33 7.47 -21.58 0.37
N PHE E 34 8.01 -20.58 1.07
CA PHE E 34 7.21 -19.45 1.48
C PHE E 34 6.64 -18.73 0.27
N LYS E 35 7.48 -18.60 -0.76
CA LYS E 35 7.07 -17.98 -2.01
C LYS E 35 5.92 -18.72 -2.67
N LEU E 36 6.04 -20.04 -2.80
CA LEU E 36 4.95 -20.85 -3.36
C LEU E 36 3.68 -20.71 -2.54
N LEU E 37 3.80 -20.76 -1.22
CA LEU E 37 2.62 -20.67 -0.36
C LEU E 37 1.96 -19.29 -0.51
N ALA E 38 2.77 -18.24 -0.56
CA ALA E 38 2.26 -16.88 -0.73
C ALA E 38 1.49 -16.71 -2.05
N LEU E 39 2.09 -17.21 -3.14
CA LEU E 39 1.41 -17.19 -4.43
C LEU E 39 0.07 -17.94 -4.44
N GLU E 40 0.03 -19.11 -3.80
CA GLU E 40 -1.21 -19.89 -3.67
CA GLU E 40 -1.20 -19.87 -3.70
C GLU E 40 -2.31 -19.06 -3.02
N SER E 41 -1.94 -18.28 -2.00
CA SER E 41 -2.89 -17.44 -1.27
C SER E 41 -3.53 -16.34 -2.12
N GLN E 42 -2.93 -16.03 -3.27
CA GLN E 42 -3.44 -14.99 -4.15
C GLN E 42 -4.49 -15.51 -5.14
N HIS E 43 -4.63 -16.83 -5.21
CA HIS E 43 -5.39 -17.50 -6.26
C HIS E 43 -6.91 -17.31 -6.21
N ALA E 44 -7.49 -17.28 -5.02
CA ALA E 44 -8.97 -17.37 -4.89
C ALA E 44 -9.71 -16.30 -5.72
N GLY E 45 -10.60 -16.74 -6.61
CA GLY E 45 -11.34 -15.82 -7.49
C GLY E 45 -10.73 -15.67 -8.88
N LEU E 46 -9.48 -16.13 -9.03
CA LEU E 46 -8.75 -16.10 -10.29
C LEU E 46 -8.38 -17.52 -10.71
N SER E 47 -7.88 -17.67 -11.93
CA SER E 47 -7.34 -18.95 -12.38
C SER E 47 -5.92 -19.07 -11.89
N TRP E 48 -5.41 -20.28 -11.81
CA TRP E 48 -4.03 -20.49 -11.39
C TRP E 48 -3.03 -19.90 -12.37
N LEU E 49 -3.27 -20.12 -13.67
CA LEU E 49 -2.39 -19.57 -14.71
C LEU E 49 -2.30 -18.07 -14.62
N THR E 50 -3.40 -17.39 -14.29
CA THR E 50 -3.39 -15.94 -14.07
C THR E 50 -2.33 -15.54 -13.04
N ILE E 51 -2.31 -16.26 -11.91
CA ILE E 51 -1.36 -15.97 -10.83
C ILE E 51 0.07 -16.31 -11.24
N LEU E 52 0.24 -17.45 -11.89
CA LEU E 52 1.56 -17.87 -12.39
C LEU E 52 2.15 -16.79 -13.31
N LYS E 53 1.32 -16.23 -14.18
CA LYS E 53 1.80 -15.18 -15.09
C LYS E 53 2.08 -13.85 -14.41
N LYS E 54 1.72 -13.72 -13.13
CA LYS E 54 2.04 -12.54 -12.30
C LYS E 54 3.20 -12.78 -11.33
N LYS E 55 3.85 -13.94 -11.44
CA LYS E 55 4.92 -14.31 -10.51
C LYS E 55 6.05 -13.28 -10.45
N GLU E 56 6.48 -12.82 -11.63
CA GLU E 56 7.57 -11.85 -11.76
C GLU E 56 7.21 -10.51 -11.12
N ALA E 57 5.97 -10.07 -11.38
CA ALA E 57 5.45 -8.84 -10.81
C ALA E 57 5.42 -8.91 -9.28
N TYR E 58 4.96 -10.05 -8.73
CA TYR E 58 4.95 -10.27 -7.29
C TYR E 58 6.36 -10.23 -6.68
N GLU E 59 7.31 -10.89 -7.33
CA GLU E 59 8.70 -10.88 -6.90
C GLU E 59 9.27 -9.46 -6.81
N GLU E 60 8.96 -8.65 -7.82
CA GLU E 60 9.40 -7.26 -7.84
C GLU E 60 8.71 -6.47 -6.71
N ALA E 61 7.43 -6.69 -6.52
CA ALA E 61 6.62 -6.02 -5.48
C ALA E 61 6.95 -6.42 -4.05
N PHE E 62 7.30 -7.69 -3.83
CA PHE E 62 7.53 -8.22 -2.49
C PHE E 62 8.99 -8.61 -2.23
N TYR E 63 9.89 -7.85 -2.85
CA TYR E 63 11.34 -7.95 -2.61
C TYR E 63 11.85 -9.40 -2.67
N ASP E 64 11.47 -10.07 -3.76
CA ASP E 64 11.65 -11.51 -4.00
C ASP E 64 11.32 -12.43 -2.83
N PHE E 65 10.22 -12.11 -2.14
CA PHE E 65 9.67 -12.92 -1.05
C PHE E 65 10.66 -13.28 0.06
N GLU E 66 11.54 -12.33 0.39
CA GLU E 66 12.44 -12.48 1.52
C GLU E 66 11.63 -12.14 2.78
N PRO E 67 11.44 -13.14 3.66
CA PRO E 67 10.52 -12.97 4.80
C PRO E 67 10.90 -11.84 5.75
N GLU E 68 12.20 -11.69 6.05
CA GLU E 68 12.67 -10.61 6.92
C GLU E 68 12.24 -9.23 6.41
N LYS E 69 12.42 -9.00 5.11
CA LYS E 69 11.99 -7.76 4.47
C LYS E 69 10.47 -7.66 4.38
N VAL E 70 9.82 -8.78 4.08
CA VAL E 70 8.37 -8.80 3.98
C VAL E 70 7.69 -8.58 5.34
N ALA E 71 8.16 -9.27 6.37
CA ALA E 71 7.57 -9.19 7.72
C ALA E 71 7.60 -7.79 8.34
N GLN E 72 8.59 -6.99 7.95
CA GLN E 72 8.72 -5.60 8.42
C GLN E 72 7.97 -4.63 7.52
N MET E 73 7.22 -5.15 6.54
CA MET E 73 6.42 -4.28 5.68
C MET E 73 5.34 -3.57 6.52
N THR E 74 5.22 -2.27 6.29
CA THR E 74 4.29 -1.43 7.03
C THR E 74 2.99 -1.30 6.27
N ALA E 75 1.97 -0.80 6.95
CA ALA E 75 0.71 -0.43 6.31
C ALA E 75 0.95 0.47 5.09
N GLN E 76 2.03 1.25 5.14
CA GLN E 76 2.41 2.20 4.07
C GLN E 76 2.82 1.52 2.76
N ASP E 77 3.66 0.48 2.86
CA ASP E 77 4.08 -0.32 1.71
C ASP E 77 2.88 -0.85 0.91
N ILE E 78 1.88 -1.35 1.61
CA ILE E 78 0.72 -1.97 0.97
C ILE E 78 -0.10 -0.97 0.13
N ASP E 79 -0.23 0.25 0.64
CA ASP E 79 -0.91 1.36 -0.06
C ASP E 79 -0.39 1.54 -1.47
N ARG E 80 0.93 1.66 -1.57
CA ARG E 80 1.67 1.75 -2.81
C ARG E 80 1.38 0.58 -3.76
N LEU E 81 1.35 -0.65 -3.24
CA LEU E 81 1.18 -1.84 -4.08
C LEU E 81 -0.18 -1.93 -4.78
N MET E 82 -1.17 -1.19 -4.25
CA MET E 82 -2.51 -1.15 -4.81
C MET E 82 -2.56 -0.58 -6.24
N THR E 83 -1.51 0.09 -6.66
CA THR E 83 -1.43 0.57 -8.05
C THR E 83 -0.19 0.01 -8.77
N PHE E 84 0.45 -0.99 -8.18
CA PHE E 84 1.60 -1.66 -8.78
C PHE E 84 1.18 -2.58 -9.94
N PRO E 85 1.84 -2.43 -11.11
CA PRO E 85 1.42 -3.15 -12.31
C PRO E 85 1.46 -4.66 -12.20
N ASN E 86 0.34 -5.28 -12.53
CA ASN E 86 0.25 -6.72 -12.77
C ASN E 86 0.33 -7.65 -11.53
N ILE E 87 0.02 -7.11 -10.35
CA ILE E 87 -0.28 -7.96 -9.20
C ILE E 87 -1.77 -7.82 -8.93
N VAL E 88 -2.33 -8.67 -8.07
CA VAL E 88 -3.77 -8.60 -7.77
C VAL E 88 -4.03 -7.42 -6.83
N HIS E 89 -4.80 -6.44 -7.29
CA HIS E 89 -5.10 -5.26 -6.48
C HIS E 89 -6.23 -5.49 -5.52
N HIS E 90 -5.96 -6.34 -4.54
CA HIS E 90 -6.91 -6.76 -3.53
C HIS E 90 -6.21 -6.48 -2.23
N ARG E 91 -6.66 -5.47 -1.48
CA ARG E 91 -5.89 -5.03 -0.29
C ARG E 91 -5.66 -6.14 0.73
N LYS E 92 -6.72 -6.85 1.06
CA LYS E 92 -6.65 -7.95 2.02
C LYS E 92 -5.71 -9.07 1.57
N LYS E 93 -5.74 -9.40 0.27
CA LYS E 93 -4.83 -10.40 -0.28
C LYS E 93 -3.36 -9.99 -0.13
N LEU E 94 -3.09 -8.70 -0.28
CA LEU E 94 -1.71 -8.22 -0.18
C LEU E 94 -1.22 -8.18 1.27
N GLU E 95 -2.07 -7.71 2.17
CA GLU E 95 -1.76 -7.71 3.60
C GLU E 95 -1.46 -9.11 4.11
N ALA E 96 -2.17 -10.10 3.57
CA ALA E 96 -2.01 -11.48 3.95
C ALA E 96 -0.56 -11.96 3.79
N ILE E 97 0.10 -11.54 2.71
CA ILE E 97 1.48 -11.93 2.46
C ILE E 97 2.41 -11.41 3.55
N VAL E 98 2.14 -10.19 4.04
CA VAL E 98 2.87 -9.63 5.18
C VAL E 98 2.68 -10.46 6.45
N ASN E 99 1.43 -10.73 6.79
CA ASN E 99 1.10 -11.57 7.94
C ASN E 99 1.73 -12.96 7.83
N GLN E 100 1.81 -13.48 6.61
CA GLN E 100 2.41 -14.78 6.35
C GLN E 100 3.90 -14.75 6.67
N ALA E 101 4.58 -13.69 6.22
CA ALA E 101 6.01 -13.50 6.51
C ALA E 101 6.25 -13.40 7.99
N GLN E 102 5.36 -12.67 8.68
CA GLN E 102 5.43 -12.54 10.12
C GLN E 102 5.28 -13.89 10.80
N GLY E 103 4.32 -14.69 10.34
CA GLY E 103 4.14 -16.06 10.83
C GLY E 103 5.32 -16.97 10.55
N TYR E 104 5.89 -16.84 9.35
CA TYR E 104 7.07 -17.61 8.91
C TYR E 104 8.22 -17.49 9.92
N LEU E 105 8.46 -16.28 10.42
CA LEU E 105 9.53 -16.04 11.38
C LEU E 105 9.27 -16.72 12.72
N LYS E 106 8.03 -16.65 13.18
CA LYS E 106 7.61 -17.30 14.43
C LYS E 106 7.79 -18.81 14.37
N ILE E 107 7.41 -19.42 13.24
CA ILE E 107 7.60 -20.84 13.03
C ILE E 107 9.08 -21.19 13.06
N GLU E 108 9.86 -20.40 12.33
CA GLU E 108 11.31 -20.55 12.24
C GLU E 108 11.98 -20.53 13.62
N GLN E 109 11.42 -19.73 14.54
CA GLN E 109 11.93 -19.66 15.91
C GLN E 109 11.65 -20.95 16.67
N ALA E 110 10.41 -21.45 16.57
CA ALA E 110 9.98 -22.61 17.33
C ALA E 110 10.40 -23.95 16.74
N TYR E 111 10.58 -24.01 15.41
CA TYR E 111 10.87 -25.27 14.71
C TYR E 111 12.21 -25.30 13.96
N GLY E 112 12.94 -24.18 13.99
CA GLY E 112 14.28 -24.11 13.41
C GLY E 112 14.31 -23.70 11.96
N SER E 113 13.28 -24.11 11.22
CA SER E 113 13.19 -23.87 9.80
C SER E 113 11.75 -24.02 9.33
N PHE E 114 11.29 -23.11 8.47
CA PHE E 114 9.95 -23.22 7.89
C PHE E 114 9.79 -24.52 7.10
N SER E 115 10.86 -24.91 6.39
CA SER E 115 10.90 -26.17 5.67
C SER E 115 10.67 -27.36 6.59
N LYS E 116 11.39 -27.42 7.71
CA LYS E 116 11.23 -28.53 8.65
C LYS E 116 9.80 -28.64 9.19
N PHE E 117 9.19 -27.48 9.49
CA PHE E 117 7.82 -27.44 9.98
C PHE E 117 6.82 -28.04 8.98
N LEU E 118 6.93 -27.63 7.72
CA LEU E 118 6.01 -28.09 6.68
C LEU E 118 6.20 -29.59 6.38
N TRP E 119 7.44 -29.99 6.12
CA TRP E 119 7.75 -31.37 5.78
C TRP E 119 7.43 -32.36 6.85
N SER E 120 7.32 -31.91 8.10
CA SER E 120 6.87 -32.76 9.20
C SER E 120 5.46 -33.31 8.96
N TYR E 121 4.62 -32.57 8.23
CA TYR E 121 3.24 -32.98 7.96
C TYR E 121 3.11 -34.22 7.06
N VAL E 122 4.19 -34.56 6.36
CA VAL E 122 4.27 -35.81 5.61
C VAL E 122 5.44 -36.67 6.12
N ASN E 123 5.81 -36.49 7.38
CA ASN E 123 6.94 -37.22 7.99
C ASN E 123 8.24 -37.12 7.19
N GLY E 124 8.48 -35.96 6.59
CA GLY E 124 9.75 -35.68 5.90
C GLY E 124 9.98 -36.36 4.57
N LYS E 125 8.95 -37.03 4.05
CA LYS E 125 9.06 -37.78 2.80
C LYS E 125 7.85 -37.46 1.92
N PRO E 126 8.08 -37.18 0.62
CA PRO E 126 6.94 -36.85 -0.25
C PRO E 126 5.90 -37.98 -0.30
N LYS E 127 4.62 -37.60 -0.26
CA LYS E 127 3.53 -38.57 -0.34
C LYS E 127 3.10 -38.74 -1.79
N ASP E 128 3.39 -39.91 -2.36
CA ASP E 128 2.93 -40.23 -3.70
C ASP E 128 1.45 -40.59 -3.62
N LEU E 129 0.63 -39.77 -4.26
CA LEU E 129 -0.82 -39.94 -4.21
C LEU E 129 -1.30 -41.07 -5.15
N GLN E 130 -0.38 -41.52 -6.01
CA GLN E 130 -0.56 -42.72 -6.84
C GLN E 130 -1.77 -42.63 -7.80
N TYR E 131 -2.03 -41.42 -8.27
CA TYR E 131 -3.14 -41.16 -9.19
C TYR E 131 -2.86 -41.74 -10.56
N GLU E 132 -3.91 -42.23 -11.23
CA GLU E 132 -3.79 -42.76 -12.60
C GLU E 132 -4.53 -41.87 -13.60
N HIS E 133 -5.63 -41.28 -13.14
CA HIS E 133 -6.46 -40.42 -13.98
C HIS E 133 -6.65 -39.11 -13.29
N ALA E 134 -6.83 -38.05 -14.08
CA ALA E 134 -7.06 -36.73 -13.49
C ALA E 134 -8.33 -36.77 -12.61
N SER E 135 -9.28 -37.61 -13.02
CA SER E 135 -10.54 -37.76 -12.25
C SER E 135 -10.35 -38.41 -10.86
N ASP E 136 -9.18 -39.00 -10.60
CA ASP E 136 -8.86 -39.55 -9.26
C ASP E 136 -8.62 -38.44 -8.23
N ARG E 137 -8.27 -37.25 -8.72
CA ARG E 137 -7.74 -36.20 -7.85
C ARG E 137 -8.76 -35.62 -6.89
N ILE E 138 -8.38 -35.52 -5.62
CA ILE E 138 -9.21 -34.85 -4.62
C ILE E 138 -8.72 -33.39 -4.48
N THR E 139 -9.41 -32.58 -3.70
CA THR E 139 -9.07 -31.15 -3.61
C THR E 139 -8.73 -30.72 -2.19
N VAL E 140 -8.93 -31.64 -1.24
CA VAL E 140 -8.70 -31.36 0.18
C VAL E 140 -8.63 -32.69 0.97
N ASP E 141 -7.93 -32.67 2.10
CA ASP E 141 -7.83 -33.84 3.00
C ASP E 141 -7.56 -33.40 4.44
N ASP E 142 -7.44 -34.37 5.35
CA ASP E 142 -7.26 -34.05 6.77
C ASP E 142 -5.94 -33.34 7.07
N THR E 143 -4.87 -33.77 6.40
CA THR E 143 -3.53 -33.18 6.61
C THR E 143 -3.53 -31.70 6.20
N ALA E 144 -4.07 -31.40 5.03
CA ALA E 144 -4.11 -30.02 4.55
C ALA E 144 -4.98 -29.16 5.47
N THR E 145 -6.09 -29.73 5.94
CA THR E 145 -6.96 -29.04 6.90
C THR E 145 -6.24 -28.74 8.22
N GLN E 146 -5.54 -29.74 8.77
CA GLN E 146 -4.76 -29.53 9.99
C GLN E 146 -3.68 -28.48 9.81
N LEU E 147 -2.94 -28.56 8.70
CA LEU E 147 -1.89 -27.60 8.42
C LEU E 147 -2.45 -26.18 8.27
N SER E 148 -3.56 -26.05 7.55
CA SER E 148 -4.23 -24.76 7.42
C SER E 148 -4.58 -24.18 8.79
N LYS E 149 -5.15 -25.00 9.66
CA LYS E 149 -5.48 -24.61 11.04
C LYS E 149 -4.24 -24.19 11.85
N ASP E 150 -3.16 -24.96 11.73
CA ASP E 150 -1.89 -24.66 12.41
C ASP E 150 -1.23 -23.37 11.91
N LEU E 151 -1.24 -23.18 10.59
CA LEU E 151 -0.74 -21.92 10.01
C LEU E 151 -1.58 -20.72 10.45
N LYS E 152 -2.90 -20.90 10.50
CA LYS E 152 -3.83 -19.84 10.93
C LYS E 152 -3.46 -19.31 12.32
N GLN E 153 -3.05 -20.22 13.20
CA GLN E 153 -2.64 -19.86 14.56
C GLN E 153 -1.39 -18.98 14.58
N TYR E 154 -0.50 -19.17 13.62
CA TYR E 154 0.71 -18.36 13.54
C TYR E 154 0.49 -17.05 12.79
N GLY E 155 -0.75 -16.77 12.41
CA GLY E 155 -1.12 -15.50 11.80
C GLY E 155 -1.14 -15.46 10.28
N PHE E 156 -0.97 -16.63 9.65
CA PHE E 156 -1.15 -16.74 8.21
C PHE E 156 -2.62 -16.48 7.88
N LYS E 157 -2.87 -15.85 6.75
CA LYS E 157 -4.24 -15.58 6.30
C LYS E 157 -4.37 -15.95 4.83
N PHE E 158 -5.61 -16.13 4.37
CA PHE E 158 -5.94 -16.52 2.99
C PHE E 158 -5.35 -17.88 2.61
N LEU E 159 -5.17 -18.74 3.62
CA LEU E 159 -4.66 -20.07 3.38
C LEU E 159 -5.54 -21.14 4.04
N GLY E 160 -6.75 -21.29 3.52
CA GLY E 160 -7.68 -22.31 3.99
C GLY E 160 -7.30 -23.71 3.51
N PRO E 161 -8.05 -24.73 3.97
CA PRO E 161 -7.69 -26.13 3.68
C PRO E 161 -7.50 -26.49 2.20
N VAL E 162 -8.42 -26.05 1.33
CA VAL E 162 -8.33 -26.31 -0.11
C VAL E 162 -7.08 -25.66 -0.71
N THR E 163 -6.84 -24.40 -0.35
CA THR E 163 -5.63 -23.68 -0.76
C THR E 163 -4.35 -24.37 -0.31
N VAL E 164 -4.31 -24.77 0.96
CA VAL E 164 -3.11 -25.45 1.50
C VAL E 164 -2.91 -26.79 0.78
N PHE E 165 -4.00 -27.46 0.43
CA PHE E 165 -3.89 -28.71 -0.32
C PHE E 165 -3.23 -28.49 -1.69
N SER E 166 -3.69 -27.46 -2.40
CA SER E 166 -3.06 -27.09 -3.68
C SER E 166 -1.56 -26.80 -3.50
N PHE E 167 -1.20 -26.14 -2.40
CA PHE E 167 0.21 -25.85 -2.12
C PHE E 167 1.03 -27.11 -1.87
N LEU E 168 0.48 -28.05 -1.10
CA LEU E 168 1.16 -29.32 -0.84
C LEU E 168 1.52 -30.04 -2.14
N GLU E 169 0.58 -30.06 -3.09
CA GLU E 169 0.80 -30.64 -4.42
C GLU E 169 1.84 -29.86 -5.19
N ALA E 170 1.74 -28.52 -5.17
CA ALA E 170 2.68 -27.64 -5.87
C ALA E 170 4.12 -27.78 -5.36
N ALA E 171 4.28 -27.81 -4.04
CA ALA E 171 5.61 -27.89 -3.43
C ALA E 171 6.18 -29.31 -3.45
N GLY E 172 5.35 -30.28 -3.85
CA GLY E 172 5.78 -31.67 -3.94
C GLY E 172 5.83 -32.42 -2.63
N LEU E 173 5.20 -31.88 -1.58
CA LEU E 173 5.00 -32.64 -0.34
C LEU E 173 4.01 -33.77 -0.66
N TYR E 174 3.08 -33.46 -1.57
CA TYR E 174 2.21 -34.43 -2.25
C TYR E 174 2.66 -34.49 -3.72
N ASP E 175 2.73 -35.70 -4.28
CA ASP E 175 2.92 -35.91 -5.73
C ASP E 175 1.58 -36.29 -6.34
N ALA E 176 0.95 -35.32 -7.02
CA ALA E 176 -0.34 -35.53 -7.66
C ALA E 176 -0.23 -35.73 -9.17
N HIS E 177 0.98 -36.00 -9.67
CA HIS E 177 1.18 -36.33 -11.08
C HIS E 177 0.59 -37.66 -11.37
N LEU E 178 0.03 -37.79 -12.56
CA LEU E 178 -0.52 -39.07 -12.98
C LEU E 178 0.62 -40.05 -13.27
N LYS E 179 0.30 -41.34 -13.13
CA LYS E 179 1.27 -42.41 -13.21
C LYS E 179 2.10 -42.32 -14.48
N ASP E 180 1.45 -42.09 -15.61
CA ASP E 180 2.13 -42.08 -16.91
C ASP E 180 2.59 -40.68 -17.36
N CYS E 181 2.48 -39.67 -16.49
CA CYS E 181 2.92 -38.32 -16.85
C CYS E 181 4.44 -38.29 -17.01
N PRO E 182 4.93 -37.77 -18.15
CA PRO E 182 6.40 -37.78 -18.30
C PRO E 182 7.14 -36.89 -17.29
N SER E 183 6.40 -36.08 -16.52
CA SER E 183 6.99 -35.23 -15.49
C SER E 183 6.88 -35.79 -14.06
N LYS E 184 6.33 -36.99 -13.91
CA LYS E 184 6.19 -37.53 -12.56
C LYS E 184 7.57 -37.75 -11.94
N PRO E 185 7.79 -37.19 -10.74
CA PRO E 185 9.11 -37.39 -10.10
C PRO E 185 9.31 -38.83 -9.63
N LYS E 186 10.56 -39.27 -9.56
CA LYS E 186 10.84 -40.60 -9.05
C LYS E 186 10.90 -40.52 -7.52
N HIS E 187 10.53 -41.60 -6.84
CA HIS E 187 10.57 -41.62 -5.37
C HIS E 187 11.39 -42.77 -4.87
N ASN E 188 12.66 -42.49 -4.62
CA ASN E 188 13.58 -43.47 -4.05
C ASN E 188 13.64 -43.33 -2.53
#